data_4ZG7
#
_entry.id   4ZG7
#
_cell.length_a   61.770
_cell.length_b   85.819
_cell.length_c   83.855
_cell.angle_alpha   90.000
_cell.angle_beta   111.340
_cell.angle_gamma   90.000
#
_symmetry.space_group_name_H-M   'P 1 21 1'
#
loop_
_entity.id
_entity.type
_entity.pdbx_description
1 polymer 'Ectonucleotide pyrophosphatase/phosphodiesterase family member 2'
2 branched 2-acetamido-2-deoxy-beta-D-glucopyranose-(1-4)-2-acetamido-2-deoxy-beta-D-glucopyranose
3 non-polymer 'ZINC ION'
4 non-polymer 'CALCIUM ION'
5 non-polymer 'SODIUM ION'
6 non-polymer "3-({6-chloro-7-fluoro-2-methyl-1-[2-oxo-2-(spiro[cyclopropane-1,3'-indol]-1'(2'H)-yl)ethyl]-1H-indol-3-yl}sulfanyl)-2-fluorobenzoic acid"
7 non-polymer '(2R)-2-hydroxy-3-(phosphonooxy)propyl tetradecanoate'
8 non-polymer GLYCEROL
9 non-polymer 'CHLORIDE ION'
10 water water
#
_entity_poly.entity_id   1
_entity_poly.type   'polypeptide(L)'
_entity_poly.pdbx_seq_one_letter_code
;ISGSCKGRCFELQEAGPPDCRCDNLCKSYTSCCHDFDELCLKTARGWECTKDRCGEVRNEENACHCSEDCLARGDCCTNY
QVVCKGESHWVDDDCEEIKAAECPAGFVRPPLIIFSVDGFRASYMKKGSKVMPNIEKLRSCGTHSPYMRPVYPTKTFPNL
YTLATGLYPESHGIVGNSMYDPVFDATFHLRGREKFNHRWWGGQPLWITATKQGVKAGTFFWSVVIPHERRILTILQWLT
LPDHERPSVYAFYSEQPDFSGHKYGPFGPEMTNPLREIDKIVGQLMDGLKQLKLHRCVNVIFVGDHGMEDVTCDRTEFLS
NYLTNVDDITLVPGTLGRIRSKFSNNAKYDPKAIIAALTCKKPDQHFKPYLKQHLPKRLHYANNRRIEDIHLLVERRWHV
ARKPLDVYKKPSGKCFFQGDHGFDNKVNSMQTVFVGYGPTFKYKTKVPPFENIELYNVMCDLLGLKPAPNNGTHGSLNHL
LRTNTFRPTMPEEVTRPNYPGIMYLQSDFDLGCTCDDKVEPKNKLDELNKRLHTKGSTEERHLLYGRPAVLYRTRYDILY
HTDFESGYSEIFLMPLWTSYTVSKQAEVSSVPDHLTSCVRPDVRVSPSFSQNCLAYKNDKQMSYGFLFPPYLSSSPEAKY
DAFLVTNMVPMYPAFKRVWNYFQRVLVKKYASERNGVNVISGPIFDYDYDGLHDTEDKIKQYVEGSSIPVPTHYYSIITS
CLDFTQPADKCDGPLSVSSFILPHRPDNEESCNSSEDESKWVEELMKMHTARVRDIEHLTSLDFFRKTSRSYPEILTLKT
YLHTYE
;
_entity_poly.pdbx_strand_id   A
#
loop_
_chem_comp.id
_chem_comp.type
_chem_comp.name
_chem_comp.formula
4O0 non-polymer '3-({6-chloro-7-fluoro-2-methyl-1-[2-oxo-2-(spiro[cyclopropane-1,3'-indol]-1'(2'H)-yl)ethyl]-1H-indol-3-yl}sulfanyl)-2-fluorobenzoic acid' 'C28 H21 Cl F2 N2 O3 S'
CA non-polymer 'CALCIUM ION' 'Ca 2'
CL non-polymer 'CHLORIDE ION' 'Cl -1'
GOL non-polymer GLYCEROL 'C3 H8 O3'
NA non-polymer 'SODIUM ION' 'Na 1'
NAG D-saccharide, beta linking 2-acetamido-2-deoxy-beta-D-glucopyranose 'C8 H15 N O6'
NKN non-polymer '(2R)-2-hydroxy-3-(phosphonooxy)propyl tetradecanoate' 'C17 H35 O7 P'
ZN non-polymer 'ZINC ION' 'Zn 2'
#
# COMPACT_ATOMS: atom_id res chain seq x y z
N ILE A 1 24.07 -39.50 -5.45
CA ILE A 1 25.04 -39.63 -6.57
C ILE A 1 24.89 -38.46 -7.56
N SER A 2 26.03 -37.90 -7.94
CA SER A 2 26.03 -36.90 -8.99
C SER A 2 25.42 -37.49 -10.25
N GLY A 3 24.60 -36.69 -10.92
CA GLY A 3 24.10 -37.04 -12.23
C GLY A 3 22.71 -37.64 -12.27
N SER A 4 22.16 -37.92 -11.09
CA SER A 4 20.84 -38.55 -10.92
C SER A 4 20.10 -37.97 -9.73
N CYS A 5 18.77 -37.91 -9.83
CA CYS A 5 17.94 -37.45 -8.71
C CYS A 5 17.52 -38.56 -7.76
N LYS A 6 18.02 -39.78 -7.94
CA LYS A 6 17.75 -40.83 -6.95
C LYS A 6 18.16 -40.42 -5.53
N GLY A 7 17.22 -40.51 -4.60
CA GLY A 7 17.43 -40.08 -3.23
C GLY A 7 17.59 -38.58 -3.03
N ARG A 8 17.28 -37.78 -4.06
CA ARG A 8 17.51 -36.33 -4.07
C ARG A 8 16.30 -35.46 -4.47
N CYS A 9 15.16 -36.08 -4.76
CA CYS A 9 14.00 -35.31 -5.20
C CYS A 9 13.63 -34.20 -4.21
N PHE A 10 13.62 -32.96 -4.69
CA PHE A 10 13.29 -31.80 -3.85
C PHE A 10 14.24 -31.62 -2.66
N GLU A 11 15.50 -32.01 -2.90
CA GLU A 11 16.57 -31.66 -2.00
C GLU A 11 16.58 -30.15 -1.81
N LEU A 12 17.06 -29.74 -0.64
CA LEU A 12 17.05 -28.32 -0.24
C LEU A 12 18.37 -27.63 -0.60
N GLN A 13 18.82 -27.83 -1.83
CA GLN A 13 20.04 -27.20 -2.38
C GLN A 13 19.92 -27.09 -3.88
N GLU A 14 20.70 -26.22 -4.47
CA GLU A 14 20.80 -26.18 -5.92
C GLU A 14 22.19 -26.71 -6.26
N ALA A 15 22.27 -27.96 -6.70
CA ALA A 15 23.56 -28.55 -7.07
C ALA A 15 24.10 -27.87 -8.32
N GLY A 16 25.39 -27.60 -8.37
CA GLY A 16 25.95 -26.89 -9.51
C GLY A 16 26.68 -27.86 -10.43
N PRO A 17 26.94 -27.46 -11.68
CA PRO A 17 27.80 -28.27 -12.55
C PRO A 17 29.10 -28.68 -11.84
N PRO A 18 29.59 -29.89 -12.10
CA PRO A 18 29.12 -30.82 -13.15
C PRO A 18 27.85 -31.62 -12.84
N ASP A 19 27.36 -31.52 -11.61
CA ASP A 19 26.13 -32.20 -11.23
C ASP A 19 24.94 -31.48 -11.92
N CYS A 20 23.79 -32.14 -11.89
CA CYS A 20 22.52 -31.58 -12.36
C CYS A 20 21.61 -31.35 -11.14
N ARG A 21 20.46 -30.70 -11.36
CA ARG A 21 19.63 -30.28 -10.24
C ARG A 21 18.39 -31.14 -10.02
N CYS A 22 17.99 -31.24 -8.74
CA CYS A 22 16.83 -32.02 -8.31
C CYS A 22 15.87 -31.20 -7.42
N ASP A 23 16.11 -29.90 -7.30
CA ASP A 23 15.29 -29.00 -6.46
C ASP A 23 14.04 -28.50 -7.20
N ASN A 24 13.15 -27.87 -6.45
CA ASN A 24 11.86 -27.45 -6.98
C ASN A 24 11.87 -26.41 -8.13
N LEU A 25 13.00 -25.74 -8.30
CA LEU A 25 13.16 -24.70 -9.29
C LEU A 25 13.99 -25.14 -10.49
N CYS A 26 14.47 -26.39 -10.51
CA CYS A 26 15.32 -26.83 -11.62
C CYS A 26 14.71 -26.64 -13.02
N LYS A 27 13.40 -26.86 -13.16
CA LYS A 27 12.75 -26.73 -14.49
C LYS A 27 12.90 -25.35 -15.05
N SER A 28 12.91 -24.34 -14.18
CA SER A 28 12.97 -22.95 -14.63
C SER A 28 14.34 -22.52 -15.14
N TYR A 29 15.35 -23.37 -14.93
CA TYR A 29 16.70 -23.16 -15.46
C TYR A 29 17.10 -24.31 -16.39
N THR A 30 16.09 -25.08 -16.84
CA THR A 30 16.25 -26.26 -17.72
C THR A 30 17.46 -27.09 -17.31
N SER A 31 17.49 -27.45 -16.03
CA SER A 31 18.69 -27.96 -15.39
C SER A 31 18.45 -29.24 -14.60
N CYS A 32 17.24 -29.77 -14.67
CA CYS A 32 16.92 -30.98 -13.89
C CYS A 32 17.69 -32.20 -14.43
N CYS A 33 18.06 -33.12 -13.56
CA CYS A 33 18.61 -34.39 -14.02
C CYS A 33 17.60 -35.12 -14.91
N HIS A 34 18.16 -35.94 -15.79
CA HIS A 34 17.44 -36.72 -16.77
C HIS A 34 16.28 -37.49 -16.12
N ASP A 35 16.48 -38.00 -14.92
CA ASP A 35 15.47 -38.82 -14.23
C ASP A 35 14.56 -38.05 -13.23
N PHE A 36 14.58 -36.73 -13.28
CA PHE A 36 13.71 -35.93 -12.39
C PHE A 36 12.20 -36.20 -12.62
N ASP A 37 11.77 -36.25 -13.88
CA ASP A 37 10.35 -36.50 -14.18
C ASP A 37 9.93 -37.87 -13.63
N GLU A 38 10.75 -38.87 -13.95
CA GLU A 38 10.50 -40.24 -13.59
C GLU A 38 10.40 -40.43 -12.08
N LEU A 39 11.34 -39.85 -11.35
CA LEU A 39 11.42 -40.06 -9.90
C LEU A 39 10.65 -39.04 -9.08
N CYS A 40 10.64 -37.79 -9.50
CA CYS A 40 10.16 -36.67 -8.65
C CYS A 40 8.79 -36.16 -9.05
N LEU A 41 8.35 -36.47 -10.27
CA LEU A 41 7.05 -36.02 -10.72
C LEU A 41 6.14 -37.20 -11.07
N LYS A 42 6.07 -38.18 -10.20
CA LYS A 42 5.12 -39.27 -10.38
C LYS A 42 3.67 -38.78 -10.37
N THR A 43 2.86 -39.35 -11.25
CA THR A 43 1.44 -38.95 -11.37
C THR A 43 0.44 -40.10 -11.34
N ALA A 44 0.90 -41.35 -11.44
CA ALA A 44 0.01 -42.52 -11.54
C ALA A 44 -1.01 -42.57 -10.42
N ARG A 45 -2.26 -42.78 -10.83
CA ARG A 45 -3.43 -42.86 -9.95
C ARG A 45 -3.84 -41.56 -9.27
N GLY A 46 -3.24 -40.44 -9.67
CA GLY A 46 -3.70 -39.14 -9.21
C GLY A 46 -3.38 -38.92 -7.75
N TRP A 47 -4.16 -38.06 -7.09
CA TRP A 47 -3.77 -37.45 -5.83
C TRP A 47 -4.60 -37.88 -4.64
N GLU A 48 -5.56 -38.78 -4.88
CA GLU A 48 -6.57 -39.11 -3.87
C GLU A 48 -6.58 -40.62 -3.62
N CYS A 49 -6.43 -41.00 -2.36
CA CYS A 49 -6.76 -42.37 -1.99
C CYS A 49 -8.26 -42.60 -2.27
N THR A 50 -8.56 -43.81 -2.72
CA THR A 50 -9.93 -44.28 -2.87
C THR A 50 -10.07 -45.55 -2.03
N LYS A 51 -11.31 -45.96 -1.72
CA LYS A 51 -11.57 -47.11 -0.83
C LYS A 51 -10.88 -48.39 -1.29
N ASP A 52 -10.84 -48.60 -2.60
CA ASP A 52 -10.18 -49.77 -3.18
C ASP A 52 -8.65 -49.79 -3.03
N ARG A 53 -8.02 -48.69 -2.64
CA ARG A 53 -6.57 -48.67 -2.36
C ARG A 53 -6.19 -48.88 -0.90
N CYS A 54 -7.18 -48.85 0.00
CA CYS A 54 -6.91 -49.07 1.42
C CYS A 54 -6.46 -50.50 1.54
N GLY A 55 -5.42 -50.71 2.34
CA GLY A 55 -4.78 -51.99 2.46
C GLY A 55 -4.06 -52.42 1.21
N GLU A 56 -3.75 -51.49 0.30
CA GLU A 56 -3.02 -51.85 -0.92
C GLU A 56 -1.59 -52.29 -0.61
N VAL A 57 -1.07 -53.16 -1.49
CA VAL A 57 0.35 -53.36 -1.57
C VAL A 57 0.90 -52.17 -2.34
N ARG A 58 1.91 -51.56 -1.75
CA ARG A 58 2.60 -50.39 -2.28
C ARG A 58 3.10 -50.63 -3.70
N ASN A 59 2.88 -49.64 -4.56
CA ASN A 59 3.39 -49.64 -5.90
C ASN A 59 4.17 -48.35 -6.08
N GLU A 60 5.47 -48.49 -6.34
CA GLU A 60 6.37 -47.34 -6.33
C GLU A 60 6.15 -46.34 -7.47
N GLU A 61 5.36 -46.70 -8.48
CA GLU A 61 5.02 -45.76 -9.54
C GLU A 61 3.95 -44.72 -9.15
N ASN A 62 3.24 -44.93 -8.05
CA ASN A 62 2.11 -44.08 -7.69
C ASN A 62 2.55 -42.69 -7.23
N ALA A 63 1.76 -41.69 -7.58
CA ALA A 63 2.03 -40.30 -7.17
C ALA A 63 2.09 -40.18 -5.65
N CYS A 64 1.19 -40.86 -4.98
CA CYS A 64 1.18 -40.88 -3.54
C CYS A 64 0.61 -42.21 -3.12
N HIS A 65 0.70 -42.49 -1.83
CA HIS A 65 0.41 -43.85 -1.31
C HIS A 65 -0.73 -43.96 -0.30
N CYS A 66 -1.32 -45.15 -0.25
CA CYS A 66 -2.49 -45.42 0.61
C CYS A 66 -2.29 -46.67 1.46
N SER A 67 -1.03 -47.06 1.58
CA SER A 67 -0.64 -48.30 2.24
C SER A 67 -0.28 -48.07 3.72
N GLU A 68 -0.29 -49.16 4.49
CA GLU A 68 -0.06 -49.08 5.94
C GLU A 68 1.38 -48.75 6.35
N ASP A 69 2.26 -48.60 5.37
CA ASP A 69 3.64 -48.15 5.61
C ASP A 69 3.85 -46.71 5.17
N CYS A 70 2.81 -46.06 4.64
CA CYS A 70 3.00 -44.74 3.98
C CYS A 70 3.36 -43.63 4.95
N LEU A 71 2.76 -43.65 6.13
CA LEU A 71 3.09 -42.66 7.16
C LEU A 71 4.54 -42.79 7.60
N ALA A 72 5.01 -44.03 7.76
CA ALA A 72 6.41 -44.28 8.12
C ALA A 72 7.34 -43.88 6.97
N ARG A 73 6.89 -44.10 5.74
CA ARG A 73 7.69 -43.78 4.55
C ARG A 73 7.60 -42.31 4.17
N GLY A 74 6.68 -41.59 4.81
CA GLY A 74 6.49 -40.15 4.57
C GLY A 74 5.81 -39.79 3.24
N ASP A 75 5.05 -40.72 2.64
CA ASP A 75 4.50 -40.46 1.26
C ASP A 75 2.99 -40.77 1.04
N CYS A 76 2.18 -40.66 2.09
CA CYS A 76 0.73 -40.85 1.96
C CYS A 76 0.11 -39.76 1.09
N CYS A 77 -0.96 -40.08 0.37
CA CYS A 77 -1.85 -39.06 -0.19
C CYS A 77 -2.41 -38.29 0.97
N THR A 78 -2.81 -37.03 0.72
CA THR A 78 -3.23 -36.17 1.82
C THR A 78 -4.51 -36.67 2.49
N ASN A 79 -5.33 -37.43 1.76
CA ASN A 79 -6.57 -38.00 2.31
C ASN A 79 -6.48 -39.45 2.81
N TYR A 80 -5.27 -39.97 2.97
CA TYR A 80 -5.08 -41.38 3.39
C TYR A 80 -5.85 -41.71 4.68
N GLN A 81 -5.62 -40.97 5.76
CA GLN A 81 -6.30 -41.27 7.02
C GLN A 81 -7.83 -41.12 6.95
N VAL A 82 -8.29 -40.18 6.13
CA VAL A 82 -9.71 -39.97 5.97
C VAL A 82 -10.38 -41.12 5.26
N VAL A 83 -9.79 -41.57 4.17
CA VAL A 83 -10.39 -42.61 3.36
C VAL A 83 -10.21 -43.98 4.03
N CYS A 84 -9.05 -44.20 4.63
CA CYS A 84 -8.65 -45.54 5.05
C CYS A 84 -8.62 -45.78 6.56
N LYS A 85 -8.61 -44.71 7.36
CA LYS A 85 -8.43 -44.85 8.81
C LYS A 85 -9.56 -44.21 9.61
N GLY A 86 -10.67 -43.88 8.95
CA GLY A 86 -11.85 -43.36 9.64
C GLY A 86 -11.77 -41.93 10.17
N GLU A 87 -10.78 -41.16 9.74
CA GLU A 87 -10.61 -39.80 10.22
C GLU A 87 -11.47 -38.85 9.39
N SER A 88 -11.75 -37.67 9.94
CA SER A 88 -12.56 -36.68 9.22
C SER A 88 -11.65 -35.76 8.39
N HIS A 89 -12.15 -35.24 7.27
CA HIS A 89 -11.49 -34.10 6.59
C HIS A 89 -11.40 -32.96 7.59
N TRP A 90 -10.31 -32.18 7.51
CA TRP A 90 -10.13 -31.03 8.37
C TRP A 90 -11.36 -30.09 8.35
N VAL A 91 -11.91 -29.87 7.16
CA VAL A 91 -12.96 -28.88 6.96
C VAL A 91 -14.26 -29.25 7.69
N ASP A 92 -14.46 -30.56 7.87
CA ASP A 92 -15.67 -31.07 8.53
C ASP A 92 -15.55 -30.99 10.05
N ASP A 93 -14.37 -30.64 10.58
CA ASP A 93 -14.19 -30.54 12.03
C ASP A 93 -14.64 -29.17 12.53
N ASP A 94 -15.11 -29.11 13.78
CA ASP A 94 -15.40 -27.84 14.44
C ASP A 94 -14.17 -26.93 14.56
N CYS A 95 -14.35 -25.61 14.38
CA CYS A 95 -13.30 -24.65 14.78
C CYS A 95 -12.99 -24.95 16.24
N GLU A 96 -11.71 -25.08 16.58
CA GLU A 96 -11.29 -25.15 17.97
C GLU A 96 -10.17 -24.15 18.18
N GLU A 97 -10.35 -23.21 19.10
CA GLU A 97 -9.29 -22.23 19.41
C GLU A 97 -7.92 -22.89 19.64
N ILE A 98 -6.89 -22.32 19.03
CA ILE A 98 -5.51 -22.72 19.28
C ILE A 98 -4.82 -21.74 20.25
N LYS A 99 -4.79 -22.10 21.52
CA LYS A 99 -4.32 -21.19 22.56
C LYS A 99 -2.81 -21.15 22.68
N ALA A 100 -2.16 -22.20 22.21
CA ALA A 100 -0.71 -22.26 22.06
C ALA A 100 -0.37 -23.26 20.96
N ALA A 101 0.73 -23.04 20.27
CA ALA A 101 1.15 -23.96 19.22
C ALA A 101 1.31 -25.36 19.79
N GLU A 102 0.86 -26.34 19.03
CA GLU A 102 0.98 -27.73 19.36
C GLU A 102 1.86 -28.34 18.28
N CYS A 103 3.16 -28.15 18.44
CA CYS A 103 4.12 -28.66 17.48
C CYS A 103 4.92 -29.80 18.06
N PRO A 104 5.42 -30.68 17.18
CA PRO A 104 6.30 -31.76 17.61
C PRO A 104 7.56 -31.24 18.29
N ALA A 105 8.16 -32.09 19.13
CA ALA A 105 9.42 -31.76 19.76
C ALA A 105 10.42 -31.33 18.69
N GLY A 106 11.20 -30.31 18.98
CA GLY A 106 12.23 -29.85 18.06
C GLY A 106 11.81 -28.72 17.12
N PHE A 107 10.51 -28.44 17.04
CA PHE A 107 10.04 -27.23 16.35
C PHE A 107 10.28 -26.05 17.27
N VAL A 108 11.18 -25.16 16.86
CA VAL A 108 11.57 -23.99 17.69
C VAL A 108 10.54 -22.87 17.58
N ARG A 109 9.80 -22.85 16.48
CA ARG A 109 8.74 -21.87 16.23
C ARG A 109 7.68 -22.52 15.34
N PRO A 110 6.45 -21.99 15.37
CA PRO A 110 5.47 -22.47 14.38
C PRO A 110 5.98 -22.21 12.97
N PRO A 111 5.94 -23.21 12.09
CA PRO A 111 6.20 -22.90 10.68
C PRO A 111 5.17 -21.92 10.09
N LEU A 112 5.57 -21.24 9.02
CA LEU A 112 4.68 -20.35 8.31
C LEU A 112 4.52 -20.83 6.89
N ILE A 113 3.29 -20.96 6.43
CA ILE A 113 3.01 -21.29 5.03
C ILE A 113 2.23 -20.13 4.44
N ILE A 114 2.78 -19.53 3.39
CA ILE A 114 2.13 -18.45 2.65
C ILE A 114 1.49 -19.07 1.42
N PHE A 115 0.16 -19.04 1.37
CA PHE A 115 -0.60 -19.61 0.27
C PHE A 115 -1.12 -18.43 -0.52
N SER A 116 -0.46 -18.14 -1.64
CA SER A 116 -0.79 -16.97 -2.42
C SER A 116 -1.63 -17.33 -3.65
N VAL A 117 -2.62 -16.51 -3.91
CA VAL A 117 -3.58 -16.72 -4.98
C VAL A 117 -3.62 -15.50 -5.89
N ASP A 118 -3.38 -15.74 -7.15
CA ASP A 118 -3.29 -14.65 -8.14
C ASP A 118 -4.67 -14.17 -8.57
N GLY A 119 -4.91 -12.84 -8.51
CA GLY A 119 -6.16 -12.25 -8.98
C GLY A 119 -7.38 -12.60 -8.18
N PHE A 120 -7.20 -12.98 -6.92
CA PHE A 120 -8.30 -13.32 -6.05
C PHE A 120 -8.95 -12.06 -5.47
N ARG A 121 -10.03 -11.65 -6.09
CA ARG A 121 -10.74 -10.44 -5.70
C ARG A 121 -11.43 -10.64 -4.35
N ALA A 122 -11.42 -9.59 -3.52
CA ALA A 122 -11.94 -9.62 -2.16
C ALA A 122 -13.34 -10.20 -2.14
N SER A 123 -14.15 -9.77 -3.10
CA SER A 123 -15.56 -10.15 -3.08
C SER A 123 -15.82 -11.63 -3.41
N TYR A 124 -14.80 -12.35 -3.90
CA TYR A 124 -14.97 -13.77 -4.11
C TYR A 124 -15.26 -14.52 -2.80
N MET A 125 -14.85 -13.95 -1.67
CA MET A 125 -15.09 -14.58 -0.35
C MET A 125 -16.59 -14.63 -0.02
N LYS A 126 -17.38 -13.74 -0.62
CA LYS A 126 -18.85 -13.80 -0.48
C LYS A 126 -19.44 -15.16 -0.92
N LYS A 127 -18.82 -15.81 -1.92
CA LYS A 127 -19.31 -17.10 -2.46
C LYS A 127 -19.40 -18.19 -1.40
N GLY A 128 -18.52 -18.10 -0.41
CA GLY A 128 -18.67 -18.84 0.83
C GLY A 128 -18.44 -20.33 0.71
N SER A 129 -19.05 -21.05 1.66
CA SER A 129 -18.76 -22.45 1.92
C SER A 129 -19.25 -23.35 0.81
N LYS A 130 -20.28 -22.93 0.08
CA LYS A 130 -20.79 -23.77 -0.99
C LYS A 130 -19.71 -23.97 -2.06
N VAL A 131 -18.92 -22.94 -2.35
CA VAL A 131 -17.92 -23.04 -3.41
C VAL A 131 -16.51 -23.33 -2.85
N MET A 132 -16.15 -22.65 -1.77
CA MET A 132 -14.80 -22.79 -1.19
C MET A 132 -14.86 -23.10 0.30
N PRO A 133 -15.26 -24.32 0.66
CA PRO A 133 -15.41 -24.64 2.09
C PRO A 133 -14.15 -24.62 2.98
N ASN A 134 -13.01 -25.07 2.46
CA ASN A 134 -11.80 -25.04 3.25
C ASN A 134 -11.37 -23.60 3.49
N ILE A 135 -11.45 -22.79 2.45
CA ILE A 135 -11.01 -21.39 2.56
C ILE A 135 -11.94 -20.65 3.52
N GLU A 136 -13.23 -20.95 3.43
CA GLU A 136 -14.23 -20.34 4.30
C GLU A 136 -13.98 -20.73 5.77
N LYS A 137 -13.51 -21.95 6.01
CA LYS A 137 -13.24 -22.34 7.39
C LYS A 137 -11.99 -21.58 7.89
N LEU A 138 -10.95 -21.49 7.07
CA LEU A 138 -9.80 -20.63 7.44
C LEU A 138 -10.26 -19.21 7.76
N ARG A 139 -11.11 -18.65 6.90
CA ARG A 139 -11.58 -17.29 7.04
C ARG A 139 -12.42 -17.08 8.30
N SER A 140 -13.37 -17.97 8.53
CA SER A 140 -14.28 -17.78 9.67
CA SER A 140 -14.30 -17.85 9.67
C SER A 140 -13.65 -18.18 11.00
N CYS A 141 -12.79 -19.20 11.01
CA CYS A 141 -12.16 -19.65 12.27
C CYS A 141 -10.92 -18.86 12.62
N GLY A 142 -10.26 -18.29 11.61
CA GLY A 142 -9.06 -17.53 11.83
C GLY A 142 -9.28 -16.04 11.99
N THR A 143 -8.30 -15.28 11.51
CA THR A 143 -8.30 -13.82 11.51
C THR A 143 -8.43 -13.37 10.04
N HIS A 144 -9.38 -12.49 9.74
CA HIS A 144 -9.54 -12.04 8.35
C HIS A 144 -9.91 -10.56 8.28
N SER A 145 -9.58 -9.94 7.14
CA SER A 145 -10.06 -8.60 6.85
C SER A 145 -11.09 -8.63 5.73
N PRO A 146 -11.93 -7.60 5.63
CA PRO A 146 -12.90 -7.59 4.53
C PRO A 146 -12.21 -7.54 3.17
N TYR A 147 -11.03 -6.93 3.14
CA TYR A 147 -10.19 -6.89 1.97
C TYR A 147 -8.81 -6.46 2.40
N MET A 148 -7.87 -6.68 1.50
CA MET A 148 -6.53 -6.15 1.61
C MET A 148 -6.20 -5.31 0.36
N ARG A 149 -5.62 -4.13 0.59
CA ARG A 149 -5.26 -3.19 -0.51
C ARG A 149 -3.90 -3.55 -1.08
N PRO A 150 -3.84 -3.79 -2.40
CA PRO A 150 -2.58 -4.06 -3.09
C PRO A 150 -1.79 -2.75 -3.27
N VAL A 151 -0.57 -2.85 -3.79
CA VAL A 151 0.16 -1.66 -4.25
C VAL A 151 -0.12 -1.42 -5.73
N TYR A 152 0.10 -0.18 -6.12
CA TYR A 152 0.04 0.24 -7.53
C TYR A 152 1.42 0.08 -8.16
N PRO A 153 1.50 -0.40 -9.41
CA PRO A 153 0.40 -0.93 -10.25
C PRO A 153 -0.16 -2.23 -9.69
N THR A 154 -1.47 -2.42 -9.81
CA THR A 154 -2.10 -3.62 -9.26
C THR A 154 -1.90 -4.83 -10.18
N LYS A 155 -0.63 -5.18 -10.40
CA LYS A 155 -0.26 -6.35 -11.18
CA LYS A 155 -0.17 -6.29 -11.23
C LYS A 155 0.57 -7.31 -10.35
N THR A 156 0.84 -8.47 -10.91
CA THR A 156 1.42 -9.57 -10.14
C THR A 156 2.80 -9.28 -9.61
N PHE A 157 3.73 -8.92 -10.48
CA PHE A 157 5.10 -8.86 -9.99
C PHE A 157 5.32 -7.76 -8.95
N PRO A 158 4.76 -6.56 -9.20
CA PRO A 158 4.97 -5.54 -8.16
C PRO A 158 4.37 -5.96 -6.80
N ASN A 159 3.20 -6.63 -6.83
CA ASN A 159 2.54 -7.04 -5.61
C ASN A 159 3.16 -8.20 -4.87
N LEU A 160 3.54 -9.26 -5.58
CA LEU A 160 4.23 -10.36 -4.92
C LEU A 160 5.53 -9.90 -4.28
N TYR A 161 6.26 -9.03 -4.97
CA TYR A 161 7.54 -8.58 -4.41
C TYR A 161 7.35 -7.56 -3.27
N THR A 162 6.26 -6.77 -3.30
CA THR A 162 5.90 -5.99 -2.13
C THR A 162 5.55 -6.92 -0.91
N LEU A 163 4.80 -7.98 -1.16
CA LEU A 163 4.50 -8.93 -0.09
C LEU A 163 5.83 -9.46 0.51
N ALA A 164 6.79 -9.70 -0.36
CA ALA A 164 8.08 -10.28 0.01
C ALA A 164 8.99 -9.33 0.77
N THR A 165 8.85 -8.03 0.55
CA THR A 165 9.82 -7.05 1.04
C THR A 165 9.30 -5.96 1.99
N GLY A 166 7.99 -5.71 1.99
CA GLY A 166 7.43 -4.58 2.72
C GLY A 166 7.68 -3.24 2.07
N LEU A 167 8.15 -3.26 0.83
CA LEU A 167 8.51 -2.03 0.12
C LEU A 167 7.55 -1.64 -0.98
N TYR A 168 7.34 -0.35 -1.15
CA TYR A 168 6.71 0.16 -2.35
C TYR A 168 7.54 -0.25 -3.57
N PRO A 169 6.86 -0.52 -4.69
CA PRO A 169 7.59 -0.82 -5.92
C PRO A 169 8.69 0.17 -6.29
N GLU A 170 8.48 1.45 -6.02
CA GLU A 170 9.53 2.43 -6.38
C GLU A 170 10.82 2.16 -5.62
N SER A 171 10.71 1.56 -4.43
CA SER A 171 11.86 1.16 -3.67
C SER A 171 12.39 -0.23 -4.01
N HIS A 172 11.53 -1.25 -4.17
CA HIS A 172 12.07 -2.61 -4.42
C HIS A 172 12.54 -2.77 -5.86
N GLY A 173 12.05 -1.91 -6.74
CA GLY A 173 12.49 -1.88 -8.14
C GLY A 173 11.62 -2.57 -9.16
N ILE A 174 10.67 -3.38 -8.71
CA ILE A 174 9.76 -4.09 -9.61
C ILE A 174 8.53 -3.22 -9.76
N VAL A 175 8.65 -2.25 -10.65
CA VAL A 175 7.69 -1.19 -10.79
C VAL A 175 6.59 -1.51 -11.79
N GLY A 176 6.72 -2.66 -12.47
CA GLY A 176 5.69 -3.15 -13.37
C GLY A 176 5.95 -4.61 -13.71
N ASN A 177 5.03 -5.20 -14.47
CA ASN A 177 5.25 -6.51 -15.02
C ASN A 177 6.21 -6.44 -16.21
N SER A 178 6.25 -5.29 -16.88
CA SER A 178 7.33 -5.02 -17.83
C SER A 178 7.98 -3.69 -17.47
N MET A 179 9.27 -3.60 -17.70
CA MET A 179 10.00 -2.38 -17.40
C MET A 179 11.27 -2.27 -18.24
N TYR A 180 11.71 -1.04 -18.39
CA TYR A 180 12.96 -0.73 -19.07
C TYR A 180 13.86 0.01 -18.06
N ASP A 181 15.06 -0.50 -17.86
CA ASP A 181 16.03 0.16 -17.01
C ASP A 181 17.05 0.79 -17.94
N PRO A 182 17.22 2.12 -17.86
CA PRO A 182 18.12 2.80 -18.80
C PRO A 182 19.61 2.63 -18.48
N VAL A 183 19.94 2.21 -17.28
CA VAL A 183 21.33 1.97 -16.86
C VAL A 183 21.76 0.58 -17.30
N PHE A 184 20.89 -0.42 -17.10
CA PHE A 184 21.13 -1.74 -17.64
C PHE A 184 21.06 -1.73 -19.18
N ASP A 185 20.28 -0.81 -19.74
CA ASP A 185 19.81 -0.89 -21.12
C ASP A 185 19.24 -2.26 -21.41
N ALA A 186 18.25 -2.65 -20.61
CA ALA A 186 17.64 -3.97 -20.70
C ALA A 186 16.16 -3.84 -20.39
N THR A 187 15.40 -4.83 -20.84
CA THR A 187 13.96 -4.85 -20.67
C THR A 187 13.56 -6.10 -19.89
N PHE A 188 12.77 -5.89 -18.85
CA PHE A 188 12.25 -6.97 -18.02
C PHE A 188 10.85 -7.25 -18.55
N HIS A 189 10.55 -8.52 -18.80
CA HIS A 189 9.23 -8.94 -19.29
C HIS A 189 8.67 -10.11 -18.50
N LEU A 190 7.34 -10.16 -18.37
CA LEU A 190 6.62 -11.32 -17.90
C LEU A 190 7.13 -12.62 -18.50
N ARG A 191 7.23 -12.65 -19.83
CA ARG A 191 7.73 -13.81 -20.53
C ARG A 191 9.19 -13.55 -20.87
N GLY A 192 10.05 -14.52 -20.62
CA GLY A 192 11.45 -14.40 -20.98
C GLY A 192 12.38 -14.60 -19.83
N ARG A 193 13.67 -14.54 -20.12
CA ARG A 193 14.69 -14.89 -19.15
C ARG A 193 15.19 -13.70 -18.37
N GLU A 194 14.99 -12.49 -18.88
CA GLU A 194 15.65 -11.33 -18.25
C GLU A 194 15.19 -11.14 -16.81
N LYS A 195 13.91 -11.42 -16.54
CA LYS A 195 13.38 -11.31 -15.16
C LYS A 195 14.05 -12.22 -14.12
N PHE A 196 14.69 -13.30 -14.56
CA PHE A 196 15.38 -14.20 -13.62
C PHE A 196 16.71 -13.63 -13.13
N ASN A 197 17.22 -12.60 -13.81
CA ASN A 197 18.41 -11.90 -13.34
C ASN A 197 18.09 -11.18 -12.04
N HIS A 198 18.80 -11.54 -10.99
CA HIS A 198 18.50 -11.00 -9.67
C HIS A 198 18.81 -9.49 -9.54
N ARG A 199 19.55 -8.94 -10.51
CA ARG A 199 19.86 -7.53 -10.49
C ARG A 199 18.62 -6.61 -10.43
N TRP A 200 17.47 -7.07 -10.91
CA TRP A 200 16.25 -6.28 -10.86
C TRP A 200 15.63 -6.14 -9.48
N TRP A 201 15.89 -7.12 -8.62
CA TRP A 201 15.09 -7.35 -7.43
C TRP A 201 15.78 -6.79 -6.20
N GLY A 202 15.32 -5.61 -5.75
CA GLY A 202 15.99 -4.90 -4.70
C GLY A 202 15.41 -5.20 -3.32
N GLY A 203 15.71 -4.33 -2.36
CA GLY A 203 15.30 -4.56 -0.99
C GLY A 203 15.84 -5.84 -0.44
N GLN A 204 15.18 -6.36 0.60
CA GLN A 204 15.58 -7.60 1.22
C GLN A 204 14.34 -8.45 1.45
N PRO A 205 14.13 -9.43 0.57
CA PRO A 205 12.92 -10.23 0.68
C PRO A 205 12.97 -11.23 1.83
N LEU A 206 11.81 -11.71 2.23
CA LEU A 206 11.65 -12.54 3.44
C LEU A 206 12.59 -13.74 3.54
N TRP A 207 12.78 -14.44 2.42
CA TRP A 207 13.63 -15.60 2.37
C TRP A 207 15.08 -15.24 2.66
N ILE A 208 15.53 -14.06 2.24
CA ILE A 208 16.88 -13.58 2.53
C ILE A 208 16.98 -13.12 4.00
N THR A 209 15.96 -12.42 4.47
CA THR A 209 15.96 -11.94 5.84
C THR A 209 16.05 -13.14 6.77
N ALA A 210 15.32 -14.19 6.42
CA ALA A 210 15.32 -15.41 7.23
C ALA A 210 16.70 -16.05 7.24
N THR A 211 17.27 -16.23 6.06
CA THR A 211 18.56 -16.91 5.94
C THR A 211 19.65 -16.15 6.71
N LYS A 212 19.67 -14.83 6.54
CA LYS A 212 20.62 -13.95 7.24
C LYS A 212 20.57 -14.07 8.75
N GLN A 213 19.39 -14.39 9.28
CA GLN A 213 19.20 -14.51 10.72
C GLN A 213 19.10 -15.94 11.19
N GLY A 214 19.55 -16.86 10.35
CA GLY A 214 19.63 -18.27 10.73
C GLY A 214 18.34 -19.02 10.81
N VAL A 215 17.32 -18.53 10.10
CA VAL A 215 16.05 -19.22 9.98
C VAL A 215 16.04 -19.90 8.60
N LYS A 216 15.72 -21.18 8.56
CA LYS A 216 15.78 -21.90 7.28
C LYS A 216 14.58 -21.58 6.38
N ALA A 217 14.86 -21.12 5.17
CA ALA A 217 13.82 -20.86 4.16
C ALA A 217 13.84 -21.88 3.05
N GLY A 218 14.75 -22.85 3.10
CA GLY A 218 14.75 -23.89 2.09
C GLY A 218 14.90 -23.34 0.68
N THR A 219 14.19 -23.99 -0.25
CA THR A 219 14.25 -23.67 -1.67
C THR A 219 12.91 -23.01 -1.90
N PHE A 220 12.89 -21.67 -1.88
CA PHE A 220 11.66 -20.96 -1.61
C PHE A 220 10.68 -20.98 -2.78
N PHE A 221 11.20 -21.00 -4.01
CA PHE A 221 10.39 -20.91 -5.22
C PHE A 221 10.21 -22.20 -6.00
N TRP A 222 8.96 -22.48 -6.39
CA TRP A 222 8.62 -23.61 -7.26
C TRP A 222 8.61 -23.19 -8.71
N SER A 223 9.12 -24.06 -9.57
CA SER A 223 8.84 -23.95 -11.00
C SER A 223 7.32 -24.09 -11.20
N VAL A 224 6.71 -23.13 -11.89
CA VAL A 224 5.25 -23.11 -12.02
C VAL A 224 4.66 -24.25 -12.85
N VAL A 225 5.48 -24.89 -13.67
CA VAL A 225 5.05 -26.06 -14.44
C VAL A 225 4.72 -27.28 -13.56
N ILE A 226 5.20 -27.30 -12.32
CA ILE A 226 4.95 -28.44 -11.42
C ILE A 226 3.52 -28.37 -10.87
N PRO A 227 2.78 -29.49 -10.97
CA PRO A 227 1.36 -29.37 -10.60
C PRO A 227 1.18 -29.00 -9.14
N HIS A 228 0.07 -28.34 -8.81
CA HIS A 228 -0.15 -27.86 -7.45
C HIS A 228 -0.11 -28.99 -6.42
N GLU A 229 -0.68 -30.13 -6.77
CA GLU A 229 -0.82 -31.25 -5.81
C GLU A 229 0.54 -31.84 -5.39
N ARG A 230 1.48 -31.83 -6.32
CA ARG A 230 2.86 -32.24 -6.04
C ARG A 230 3.58 -31.26 -5.11
N ARG A 231 3.32 -29.97 -5.28
CA ARG A 231 3.91 -28.96 -4.41
C ARG A 231 3.43 -29.18 -2.99
N ILE A 232 2.12 -29.42 -2.84
CA ILE A 232 1.55 -29.62 -1.51
C ILE A 232 2.14 -30.87 -0.88
N LEU A 233 2.21 -31.97 -1.63
CA LEU A 233 2.78 -33.20 -1.08
C LEU A 233 4.20 -32.97 -0.65
N THR A 234 4.94 -32.20 -1.43
CA THR A 234 6.34 -31.91 -1.09
C THR A 234 6.53 -31.04 0.14
N ILE A 235 5.72 -29.99 0.29
CA ILE A 235 5.75 -29.17 1.48
C ILE A 235 5.52 -30.04 2.73
N LEU A 236 4.55 -30.92 2.66
CA LEU A 236 4.24 -31.79 3.82
C LEU A 236 5.42 -32.71 4.15
N GLN A 237 6.05 -33.25 3.11
CA GLN A 237 7.22 -34.10 3.32
C GLN A 237 8.36 -33.32 3.91
N TRP A 238 8.59 -32.10 3.41
CA TRP A 238 9.62 -31.24 4.01
C TRP A 238 9.38 -30.99 5.50
N LEU A 239 8.12 -30.93 5.90
CA LEU A 239 7.76 -30.68 7.30
C LEU A 239 8.04 -31.89 8.21
N THR A 240 8.31 -33.05 7.60
CA THR A 240 8.75 -34.27 8.32
C THR A 240 10.28 -34.41 8.43
N LEU A 241 11.04 -33.46 7.87
CA LEU A 241 12.49 -33.52 7.88
C LEU A 241 13.05 -33.32 9.28
N PRO A 242 14.30 -33.78 9.50
CA PRO A 242 14.95 -33.52 10.80
C PRO A 242 15.15 -32.02 11.10
N ASP A 243 15.20 -31.68 12.39
CA ASP A 243 15.39 -30.31 12.84
C ASP A 243 16.51 -29.55 12.12
N HIS A 244 17.60 -30.23 11.82
CA HIS A 244 18.75 -29.54 11.24
C HIS A 244 18.58 -29.18 9.74
N GLU A 245 17.50 -29.66 9.12
CA GLU A 245 17.22 -29.45 7.70
C GLU A 245 15.87 -28.75 7.41
N ARG A 246 14.88 -28.98 8.25
CA ARG A 246 13.49 -28.59 7.99
C ARG A 246 13.30 -27.07 7.91
N PRO A 247 12.76 -26.55 6.78
CA PRO A 247 12.54 -25.12 6.73
C PRO A 247 11.45 -24.66 7.69
N SER A 248 11.53 -23.39 8.09
CA SER A 248 10.49 -22.81 8.91
CA SER A 248 10.52 -22.75 8.93
C SER A 248 9.47 -21.99 8.12
N VAL A 249 9.74 -21.73 6.85
CA VAL A 249 8.77 -20.97 6.02
C VAL A 249 8.68 -21.59 4.64
N TYR A 250 7.46 -21.61 4.10
CA TYR A 250 7.13 -22.19 2.83
C TYR A 250 6.19 -21.26 2.11
N ALA A 251 6.28 -21.27 0.79
CA ALA A 251 5.36 -20.50 -0.03
C ALA A 251 4.75 -21.37 -1.10
N PHE A 252 3.47 -21.11 -1.38
CA PHE A 252 2.76 -21.71 -2.50
C PHE A 252 2.15 -20.59 -3.34
N TYR A 253 2.26 -20.70 -4.66
CA TYR A 253 1.64 -19.76 -5.59
C TYR A 253 0.66 -20.43 -6.55
N SER A 254 -0.57 -19.93 -6.57
CA SER A 254 -1.55 -20.35 -7.57
CA SER A 254 -1.58 -20.34 -7.53
C SER A 254 -1.78 -19.27 -8.59
N GLU A 255 -1.69 -19.64 -9.87
CA GLU A 255 -1.95 -18.74 -10.98
C GLU A 255 -3.43 -18.49 -11.18
N GLN A 256 -4.24 -19.31 -10.53
CA GLN A 256 -5.70 -19.09 -10.48
C GLN A 256 -6.07 -18.32 -9.22
N PRO A 257 -7.18 -17.54 -9.25
CA PRO A 257 -8.13 -17.44 -10.36
C PRO A 257 -7.79 -16.42 -11.44
N ASP A 258 -6.62 -15.80 -11.38
CA ASP A 258 -6.24 -14.77 -12.34
C ASP A 258 -6.34 -15.26 -13.78
N PHE A 259 -5.79 -16.46 -14.05
CA PHE A 259 -5.76 -16.98 -15.41
C PHE A 259 -7.15 -17.01 -16.03
N SER A 260 -8.10 -17.64 -15.34
CA SER A 260 -9.47 -17.63 -15.81
C SER A 260 -10.14 -16.25 -15.79
N GLY A 261 -9.86 -15.43 -14.76
CA GLY A 261 -10.44 -14.08 -14.68
C GLY A 261 -10.16 -13.24 -15.92
N HIS A 262 -8.98 -13.37 -16.51
CA HIS A 262 -8.67 -12.63 -17.73
C HIS A 262 -9.57 -13.08 -18.89
N LYS A 263 -9.80 -14.39 -18.97
CA LYS A 263 -10.59 -14.95 -20.04
C LYS A 263 -12.06 -14.61 -19.88
N TYR A 264 -12.58 -14.75 -18.67
CA TYR A 264 -14.02 -14.72 -18.46
C TYR A 264 -14.55 -13.50 -17.76
N GLY A 265 -13.65 -12.65 -17.25
CA GLY A 265 -14.06 -11.50 -16.46
C GLY A 265 -14.20 -11.90 -15.00
N PRO A 266 -14.31 -10.93 -14.08
CA PRO A 266 -14.27 -11.25 -12.65
C PRO A 266 -15.45 -12.10 -12.17
N PHE A 267 -16.59 -11.97 -12.84
CA PHE A 267 -17.80 -12.66 -12.41
C PHE A 267 -18.40 -13.54 -13.50
N GLY A 268 -17.60 -13.91 -14.49
CA GLY A 268 -18.05 -14.92 -15.45
C GLY A 268 -18.55 -16.20 -14.73
N PRO A 269 -19.62 -16.83 -15.26
CA PRO A 269 -20.06 -18.10 -14.63
C PRO A 269 -18.98 -19.20 -14.69
N GLU A 270 -18.02 -19.06 -15.59
CA GLU A 270 -16.90 -19.96 -15.73
C GLU A 270 -15.92 -19.88 -14.54
N MET A 271 -16.08 -18.90 -13.66
CA MET A 271 -15.11 -18.68 -12.60
C MET A 271 -15.34 -19.62 -11.45
N THR A 272 -16.51 -20.27 -11.40
CA THR A 272 -16.84 -21.07 -10.26
C THR A 272 -15.88 -22.25 -10.13
N ASN A 273 -15.66 -22.97 -11.22
CA ASN A 273 -14.81 -24.13 -11.25
C ASN A 273 -13.39 -23.83 -10.75
N PRO A 274 -12.74 -22.76 -11.27
CA PRO A 274 -11.37 -22.49 -10.78
C PRO A 274 -11.31 -22.22 -9.30
N LEU A 275 -12.35 -21.59 -8.76
CA LEU A 275 -12.39 -21.34 -7.34
C LEU A 275 -12.59 -22.65 -6.59
N ARG A 276 -13.45 -23.53 -7.08
CA ARG A 276 -13.56 -24.87 -6.45
C ARG A 276 -12.20 -25.61 -6.50
N GLU A 277 -11.49 -25.48 -7.61
CA GLU A 277 -10.21 -26.20 -7.76
C GLU A 277 -9.16 -25.65 -6.81
N ILE A 278 -9.16 -24.34 -6.55
CA ILE A 278 -8.22 -23.78 -5.55
C ILE A 278 -8.57 -24.34 -4.17
N ASP A 279 -9.87 -24.39 -3.87
CA ASP A 279 -10.28 -24.88 -2.57
C ASP A 279 -9.85 -26.31 -2.35
N LYS A 280 -9.87 -27.14 -3.40
CA LYS A 280 -9.40 -28.53 -3.29
C LYS A 280 -7.93 -28.61 -2.87
N ILE A 281 -7.08 -27.73 -3.43
CA ILE A 281 -5.69 -27.64 -3.00
C ILE A 281 -5.54 -27.21 -1.55
N VAL A 282 -6.33 -26.22 -1.11
CA VAL A 282 -6.30 -25.81 0.27
C VAL A 282 -6.71 -27.01 1.19
N GLY A 283 -7.71 -27.77 0.73
CA GLY A 283 -8.16 -28.96 1.49
C GLY A 283 -7.11 -30.05 1.61
N GLN A 284 -6.39 -30.27 0.53
CA GLN A 284 -5.26 -31.19 0.57
C GLN A 284 -4.20 -30.74 1.56
N LEU A 285 -3.91 -29.44 1.61
CA LEU A 285 -2.90 -28.95 2.53
C LEU A 285 -3.34 -29.18 3.96
N MET A 286 -4.59 -28.79 4.25
CA MET A 286 -5.10 -28.85 5.60
C MET A 286 -5.29 -30.30 6.05
N ASP A 287 -5.83 -31.15 5.17
CA ASP A 287 -5.92 -32.60 5.48
C ASP A 287 -4.55 -33.22 5.72
N GLY A 288 -3.61 -32.84 4.84
CA GLY A 288 -2.23 -33.26 4.98
C GLY A 288 -1.63 -32.85 6.30
N LEU A 289 -1.87 -31.60 6.70
CA LEU A 289 -1.32 -31.12 7.94
C LEU A 289 -1.95 -31.86 9.12
N LYS A 290 -3.26 -32.07 9.06
CA LYS A 290 -3.95 -32.82 10.16
C LYS A 290 -3.40 -34.25 10.27
N GLN A 291 -3.12 -34.85 9.13
CA GLN A 291 -2.52 -36.19 9.06
C GLN A 291 -1.18 -36.27 9.76
N LEU A 292 -0.38 -35.20 9.66
CA LEU A 292 0.90 -35.09 10.34
C LEU A 292 0.79 -34.53 11.74
N LYS A 293 -0.43 -34.26 12.19
CA LYS A 293 -0.68 -33.58 13.47
C LYS A 293 -0.01 -32.22 13.54
N LEU A 294 0.00 -31.51 12.41
CA LEU A 294 0.56 -30.17 12.36
C LEU A 294 -0.51 -29.10 12.13
N HIS A 295 -1.79 -29.49 12.14
CA HIS A 295 -2.90 -28.58 11.86
C HIS A 295 -3.19 -27.58 12.99
N ARG A 296 -2.55 -27.77 14.16
CA ARG A 296 -2.61 -26.78 15.26
C ARG A 296 -1.20 -26.29 15.62
N CYS A 297 -0.29 -26.40 14.65
CA CYS A 297 1.11 -26.01 14.78
C CYS A 297 1.48 -24.92 13.75
N VAL A 298 1.04 -25.07 12.52
CA VAL A 298 1.46 -24.19 11.41
C VAL A 298 0.55 -22.94 11.27
N ASN A 299 1.17 -21.79 11.12
CA ASN A 299 0.44 -20.58 10.75
C ASN A 299 0.30 -20.56 9.25
N VAL A 300 -0.91 -20.35 8.77
CA VAL A 300 -1.22 -20.31 7.34
C VAL A 300 -1.72 -18.92 6.98
N ILE A 301 -1.10 -18.31 5.97
CA ILE A 301 -1.58 -17.04 5.42
C ILE A 301 -2.12 -17.33 4.04
N PHE A 302 -3.36 -16.92 3.81
CA PHE A 302 -4.00 -17.03 2.52
C PHE A 302 -4.17 -15.59 2.03
N VAL A 303 -3.50 -15.27 0.94
CA VAL A 303 -3.37 -13.90 0.53
C VAL A 303 -3.37 -13.79 -1.00
N GLY A 304 -4.08 -12.79 -1.50
CA GLY A 304 -3.98 -12.47 -2.92
C GLY A 304 -3.03 -11.32 -3.25
N ASP A 305 -2.73 -11.20 -4.54
CA ASP A 305 -1.86 -10.12 -5.05
C ASP A 305 -2.62 -8.89 -5.53
N HIS A 306 -3.81 -9.10 -6.11
CA HIS A 306 -4.69 -8.03 -6.53
C HIS A 306 -6.04 -8.66 -6.97
N GLY A 307 -6.99 -7.81 -7.31
CA GLY A 307 -8.29 -8.24 -7.83
C GLY A 307 -8.34 -8.34 -9.33
N MET A 308 -9.54 -8.09 -9.86
CA MET A 308 -9.87 -8.29 -11.26
C MET A 308 -11.09 -7.45 -11.63
N GLU A 309 -11.00 -6.76 -12.77
CA GLU A 309 -12.05 -5.86 -13.24
C GLU A 309 -12.51 -6.33 -14.60
N ASP A 310 -13.73 -5.93 -14.96
CA ASP A 310 -14.31 -6.22 -16.25
C ASP A 310 -13.67 -5.23 -17.26
N VAL A 311 -12.92 -5.75 -18.20
CA VAL A 311 -12.20 -4.95 -19.19
C VAL A 311 -12.26 -5.65 -20.55
N THR A 312 -12.70 -4.94 -21.57
CA THR A 312 -12.85 -5.53 -22.91
C THR A 312 -12.10 -4.72 -23.97
N CYS A 313 -11.75 -5.39 -25.06
CA CYS A 313 -11.11 -4.79 -26.25
C CYS A 313 -11.71 -3.50 -26.67
N ASP A 314 -13.03 -3.44 -26.73
CA ASP A 314 -13.65 -2.25 -27.30
C ASP A 314 -13.46 -1.02 -26.40
N ARG A 315 -13.18 -1.23 -25.11
CA ARG A 315 -12.91 -0.12 -24.19
C ARG A 315 -11.43 0.19 -24.13
N THR A 316 -10.92 0.68 -25.26
CA THR A 316 -9.51 1.03 -25.39
C THR A 316 -9.44 2.42 -25.97
N GLU A 317 -8.70 3.28 -25.29
CA GLU A 317 -8.35 4.61 -25.77
C GLU A 317 -7.06 4.46 -26.54
N PHE A 318 -6.92 5.21 -27.65
CA PHE A 318 -5.71 5.17 -28.48
C PHE A 318 -4.99 6.52 -28.51
N LEU A 319 -3.68 6.49 -28.24
CA LEU A 319 -2.89 7.70 -28.20
C LEU A 319 -2.92 8.39 -29.54
N SER A 320 -3.08 7.60 -30.61
CA SER A 320 -3.13 8.16 -31.95
CA SER A 320 -3.17 8.12 -31.97
C SER A 320 -4.32 9.11 -32.17
N ASN A 321 -5.33 9.08 -31.28
CA ASN A 321 -6.43 10.03 -31.39
C ASN A 321 -6.18 11.35 -30.69
N TYR A 322 -5.02 11.45 -30.04
CA TYR A 322 -4.62 12.61 -29.22
C TYR A 322 -3.31 13.20 -29.70
N LEU A 323 -2.32 12.36 -29.90
CA LEU A 323 -0.99 12.84 -30.22
C LEU A 323 -0.84 13.03 -31.72
N THR A 324 -0.13 14.08 -32.10
CA THR A 324 0.17 14.34 -33.50
C THR A 324 1.37 13.52 -33.97
N ASN A 325 2.06 12.85 -33.03
CA ASN A 325 3.21 12.01 -33.35
C ASN A 325 3.30 10.82 -32.41
N VAL A 326 2.73 9.69 -32.81
CA VAL A 326 2.81 8.46 -31.99
C VAL A 326 4.03 7.60 -32.30
N ASP A 327 4.77 7.94 -33.35
CA ASP A 327 5.86 7.09 -33.81
C ASP A 327 7.16 7.33 -33.06
N ASP A 328 7.26 8.47 -32.39
CA ASP A 328 8.50 8.79 -31.66
C ASP A 328 8.45 8.41 -30.18
N ILE A 329 7.39 7.75 -29.75
CA ILE A 329 7.25 7.38 -28.34
C ILE A 329 7.12 5.87 -28.20
N THR A 330 7.54 5.36 -27.04
CA THR A 330 7.29 4.00 -26.63
C THR A 330 6.27 4.05 -25.49
N LEU A 331 5.23 3.22 -25.59
CA LEU A 331 4.19 3.13 -24.55
C LEU A 331 4.19 1.77 -23.91
N VAL A 332 4.23 1.73 -22.58
CA VAL A 332 3.82 0.53 -21.87
C VAL A 332 2.30 0.67 -21.72
N PRO A 333 1.53 -0.25 -22.32
CA PRO A 333 0.09 -0.05 -22.47
C PRO A 333 -0.73 -0.84 -21.48
N GLY A 334 -2.05 -0.71 -21.61
CA GLY A 334 -3.01 -1.55 -20.88
C GLY A 334 -3.77 -0.77 -19.83
N THR A 335 -3.79 -1.32 -18.62
CA THR A 335 -4.55 -0.72 -17.53
C THR A 335 -3.79 0.41 -16.82
N LEU A 336 -2.60 0.72 -17.34
CA LEU A 336 -1.84 1.92 -16.99
C LEU A 336 -1.11 2.28 -18.26
N GLY A 337 -0.56 3.47 -18.29
CA GLY A 337 0.30 3.89 -19.39
C GLY A 337 1.59 4.49 -18.87
N ARG A 338 2.71 4.12 -19.49
CA ARG A 338 4.00 4.75 -19.23
C ARG A 338 4.60 5.11 -20.57
N ILE A 339 5.00 6.36 -20.70
CA ILE A 339 5.51 6.87 -21.98
C ILE A 339 6.95 7.36 -21.83
N ARG A 340 7.82 6.95 -22.75
CA ARG A 340 9.14 7.53 -22.86
C ARG A 340 9.47 7.77 -24.35
N SER A 341 10.62 8.36 -24.58
CA SER A 341 11.08 8.55 -25.96
C SER A 341 11.44 7.20 -26.56
N LYS A 342 11.03 6.98 -27.81
CA LYS A 342 11.38 5.74 -28.50
C LYS A 342 12.91 5.61 -28.65
N PHE A 343 13.56 6.70 -29.06
CA PHE A 343 15.01 6.73 -29.28
C PHE A 343 15.72 7.49 -28.17
N SER A 344 16.97 7.11 -27.91
CA SER A 344 17.78 7.76 -26.88
C SER A 344 18.23 9.17 -27.24
N ASN A 345 18.70 9.35 -28.47
CA ASN A 345 19.28 10.61 -28.90
C ASN A 345 18.22 11.52 -29.54
N ASN A 346 17.22 11.91 -28.76
CA ASN A 346 16.10 12.70 -29.27
C ASN A 346 15.92 13.99 -28.51
N ALA A 347 16.68 15.01 -28.93
CA ALA A 347 16.62 16.35 -28.35
C ALA A 347 15.25 17.02 -28.50
N LYS A 348 14.44 16.58 -29.48
CA LYS A 348 13.11 17.15 -29.72
C LYS A 348 12.02 16.65 -28.75
N TYR A 349 12.22 15.47 -28.18
CA TYR A 349 11.30 14.89 -27.20
C TYR A 349 10.91 15.90 -26.13
N ASP A 350 9.61 16.13 -25.98
CA ASP A 350 9.13 17.17 -25.08
C ASP A 350 8.00 16.62 -24.21
N PRO A 351 8.33 16.08 -23.03
CA PRO A 351 7.27 15.47 -22.19
C PRO A 351 6.11 16.41 -21.89
N LYS A 352 6.41 17.67 -21.57
CA LYS A 352 5.35 18.65 -21.28
C LYS A 352 4.36 18.81 -22.45
N ALA A 353 4.86 18.84 -23.68
CA ALA A 353 4.01 18.93 -24.86
C ALA A 353 3.12 17.70 -25.05
N ILE A 354 3.68 16.52 -24.79
CA ILE A 354 2.95 15.25 -24.86
C ILE A 354 1.85 15.24 -23.82
N ILE A 355 2.17 15.67 -22.62
CA ILE A 355 1.17 15.76 -21.55
C ILE A 355 0.03 16.72 -21.93
N ALA A 356 0.38 17.89 -22.44
CA ALA A 356 -0.64 18.85 -22.88
C ALA A 356 -1.57 18.27 -23.97
N ALA A 357 -0.99 17.53 -24.90
CA ALA A 357 -1.76 16.90 -26.00
C ALA A 357 -2.73 15.83 -25.48
N LEU A 358 -2.43 15.31 -24.28
CA LEU A 358 -3.25 14.27 -23.66
C LEU A 358 -4.21 14.76 -22.57
N THR A 359 -4.20 16.05 -22.32
CA THR A 359 -4.96 16.64 -21.23
C THR A 359 -6.35 17.10 -21.64
N CYS A 360 -7.39 16.48 -21.07
CA CYS A 360 -8.75 16.96 -21.18
C CYS A 360 -9.16 17.30 -22.62
N LYS A 361 -8.98 16.35 -23.52
CA LYS A 361 -9.23 16.58 -24.96
C LYS A 361 -10.55 16.06 -25.42
N LYS A 362 -11.09 15.07 -24.73
CA LYS A 362 -12.38 14.52 -25.10
C LYS A 362 -13.23 14.46 -23.86
N PRO A 363 -14.55 14.69 -24.00
CA PRO A 363 -15.42 14.60 -22.84
C PRO A 363 -15.41 13.15 -22.31
N ASP A 364 -15.37 12.96 -21.01
CA ASP A 364 -15.28 11.58 -20.46
C ASP A 364 -14.12 10.73 -21.03
N GLN A 365 -13.05 11.38 -21.47
CA GLN A 365 -11.77 10.74 -21.72
C GLN A 365 -11.40 9.76 -20.58
N HIS A 366 -10.94 8.56 -20.93
CA HIS A 366 -10.83 7.46 -19.95
C HIS A 366 -9.42 7.22 -19.42
N PHE A 367 -8.60 8.27 -19.39
CA PHE A 367 -7.29 8.22 -18.74
C PHE A 367 -6.93 9.66 -18.46
N LYS A 368 -5.95 9.83 -17.58
CA LYS A 368 -5.42 11.14 -17.29
C LYS A 368 -3.91 11.08 -17.27
N PRO A 369 -3.24 12.01 -17.98
CA PRO A 369 -1.79 12.05 -18.02
C PRO A 369 -1.22 12.81 -16.84
N TYR A 370 -0.08 12.35 -16.36
CA TYR A 370 0.67 13.02 -15.32
C TYR A 370 2.14 12.94 -15.56
N LEU A 371 2.88 13.99 -15.24
CA LEU A 371 4.29 13.77 -14.90
C LEU A 371 4.29 12.99 -13.57
N LYS A 372 5.21 12.05 -13.45
CA LYS A 372 5.17 11.10 -12.33
C LYS A 372 5.16 11.82 -10.98
N GLN A 373 5.89 12.93 -10.87
CA GLN A 373 5.92 13.69 -9.63
C GLN A 373 4.58 14.31 -9.27
N HIS A 374 3.65 14.38 -10.22
CA HIS A 374 2.35 14.93 -9.95
C HIS A 374 1.26 13.89 -9.66
N LEU A 375 1.60 12.61 -9.72
CA LEU A 375 0.65 11.56 -9.35
C LEU A 375 0.34 11.72 -7.86
N PRO A 376 -0.84 11.29 -7.44
CA PRO A 376 -1.19 11.23 -6.03
C PRO A 376 -0.10 10.58 -5.19
N LYS A 377 0.23 11.26 -4.12
CA LYS A 377 1.37 10.86 -3.30
C LYS A 377 1.15 9.49 -2.65
N ARG A 378 -0.12 9.16 -2.41
CA ARG A 378 -0.51 7.85 -1.85
C ARG A 378 -0.05 6.68 -2.73
N LEU A 379 0.11 6.89 -4.04
CA LEU A 379 0.66 5.82 -4.93
C LEU A 379 2.15 5.55 -4.76
N HIS A 380 2.88 6.51 -4.19
CA HIS A 380 4.31 6.36 -3.98
C HIS A 380 4.98 5.81 -5.24
N TYR A 381 4.68 6.38 -6.39
CA TYR A 381 5.10 5.80 -7.64
C TYR A 381 5.87 6.81 -8.50
N ALA A 382 7.08 7.14 -8.07
CA ALA A 382 7.86 8.11 -8.83
C ALA A 382 9.36 7.95 -8.72
N ASN A 383 9.85 7.59 -7.53
CA ASN A 383 11.28 7.63 -7.22
C ASN A 383 12.01 6.37 -7.63
N ASN A 384 12.04 6.14 -8.94
CA ASN A 384 12.78 5.04 -9.53
C ASN A 384 13.06 5.37 -11.00
N ARG A 385 14.30 5.11 -11.42
CA ARG A 385 14.71 5.37 -12.82
C ARG A 385 13.96 4.49 -13.84
N ARG A 386 13.32 3.42 -13.36
CA ARG A 386 12.47 2.59 -14.24
C ARG A 386 11.04 3.10 -14.41
N ILE A 387 10.64 4.09 -13.63
CA ILE A 387 9.37 4.75 -13.86
C ILE A 387 9.53 5.92 -14.83
N GLU A 388 8.91 5.78 -15.98
CA GLU A 388 8.91 6.81 -17.03
C GLU A 388 8.32 8.10 -16.50
N ASP A 389 8.86 9.22 -16.98
CA ASP A 389 8.39 10.53 -16.54
C ASP A 389 6.91 10.75 -16.80
N ILE A 390 6.42 10.18 -17.89
CA ILE A 390 5.03 10.35 -18.27
C ILE A 390 4.26 9.11 -17.87
N HIS A 391 3.20 9.35 -17.10
CA HIS A 391 2.32 8.29 -16.62
C HIS A 391 0.87 8.59 -17.02
N LEU A 392 0.13 7.55 -17.39
CA LEU A 392 -1.29 7.69 -17.58
C LEU A 392 -2.01 6.83 -16.53
N LEU A 393 -2.83 7.44 -15.69
CA LEU A 393 -3.70 6.66 -14.84
C LEU A 393 -4.94 6.38 -15.67
N VAL A 394 -5.22 5.11 -15.87
CA VAL A 394 -6.34 4.69 -16.73
C VAL A 394 -7.59 4.44 -15.92
N GLU A 395 -8.73 4.83 -16.48
CA GLU A 395 -9.99 4.61 -15.80
C GLU A 395 -10.29 3.11 -15.68
N ARG A 396 -10.72 2.72 -14.49
CA ARG A 396 -11.26 1.36 -14.26
C ARG A 396 -12.17 0.98 -15.45
N ARG A 397 -11.99 -0.25 -15.94
CA ARG A 397 -12.78 -0.88 -17.04
C ARG A 397 -12.18 -0.58 -18.44
N TRP A 398 -11.13 0.24 -18.47
CA TRP A 398 -10.53 0.67 -19.74
C TRP A 398 -9.09 0.21 -19.92
N HIS A 399 -8.66 0.23 -21.17
CA HIS A 399 -7.26 0.13 -21.56
C HIS A 399 -6.79 1.37 -22.32
N VAL A 400 -5.47 1.55 -22.36
CA VAL A 400 -4.87 2.51 -23.28
C VAL A 400 -3.90 1.77 -24.20
N ALA A 401 -3.86 2.17 -25.48
CA ALA A 401 -2.98 1.57 -26.45
C ALA A 401 -2.46 2.68 -27.35
N ARG A 402 -1.42 2.39 -28.10
CA ARG A 402 -0.80 3.45 -28.92
C ARG A 402 -1.61 3.74 -30.19
N LYS A 403 -1.96 2.68 -30.91
CA LYS A 403 -2.68 2.76 -32.20
C LYS A 403 -3.73 1.67 -32.30
N PRO A 404 -4.81 1.90 -33.09
CA PRO A 404 -5.86 0.89 -33.26
C PRO A 404 -5.38 -0.50 -33.68
N LEU A 405 -4.40 -0.54 -34.58
CA LEU A 405 -3.84 -1.80 -35.06
C LEU A 405 -3.37 -2.69 -33.90
N ASP A 406 -2.84 -2.06 -32.85
CA ASP A 406 -2.45 -2.80 -31.63
C ASP A 406 -3.68 -3.41 -30.97
N CYS A 415 -13.51 -10.30 -28.58
CA CYS A 415 -12.27 -9.99 -27.89
C CYS A 415 -11.69 -11.24 -27.20
N PHE A 416 -10.36 -11.28 -27.05
CA PHE A 416 -9.66 -12.43 -26.47
C PHE A 416 -9.65 -12.45 -24.93
N PHE A 417 -10.11 -11.37 -24.31
CA PHE A 417 -10.07 -11.23 -22.84
C PHE A 417 -11.28 -10.47 -22.38
N GLN A 418 -11.69 -10.70 -21.14
CA GLN A 418 -12.85 -10.01 -20.57
C GLN A 418 -12.54 -9.45 -19.18
N GLY A 419 -11.34 -9.73 -18.66
CA GLY A 419 -10.94 -9.12 -17.39
C GLY A 419 -9.49 -8.64 -17.41
N ASP A 420 -9.21 -7.65 -16.60
CA ASP A 420 -7.83 -7.19 -16.41
C ASP A 420 -7.72 -6.44 -15.09
N HIS A 421 -6.51 -6.03 -14.77
CA HIS A 421 -6.22 -5.36 -13.52
C HIS A 421 -4.94 -4.57 -13.73
N GLY A 422 -4.59 -3.74 -12.77
CA GLY A 422 -3.43 -2.84 -12.89
C GLY A 422 -3.73 -1.43 -12.47
N PHE A 423 -5.01 -1.10 -12.42
CA PHE A 423 -5.53 0.22 -12.04
C PHE A 423 -5.12 0.68 -10.65
N ASP A 424 -5.33 1.96 -10.44
CA ASP A 424 -5.22 2.66 -9.15
C ASP A 424 -5.60 1.72 -8.02
N ASN A 425 -4.74 1.60 -7.01
CA ASN A 425 -4.97 0.62 -5.95
C ASN A 425 -6.09 0.95 -4.96
N LYS A 426 -6.79 2.07 -5.12
CA LYS A 426 -7.98 2.29 -4.29
C LYS A 426 -9.28 1.90 -4.99
N VAL A 427 -9.17 1.48 -6.25
CA VAL A 427 -10.33 1.03 -7.01
C VAL A 427 -10.84 -0.27 -6.39
N ASN A 428 -12.13 -0.31 -6.09
CA ASN A 428 -12.66 -1.45 -5.34
C ASN A 428 -12.40 -2.82 -6.00
N SER A 429 -12.57 -2.90 -7.31
CA SER A 429 -12.33 -4.15 -8.02
C SER A 429 -10.90 -4.68 -7.91
N MET A 430 -9.95 -3.82 -7.59
CA MET A 430 -8.56 -4.23 -7.40
C MET A 430 -8.24 -4.82 -6.05
N GLN A 431 -9.16 -4.72 -5.09
CA GLN A 431 -8.88 -5.19 -3.72
C GLN A 431 -8.80 -6.71 -3.70
N THR A 432 -8.02 -7.25 -2.76
CA THR A 432 -7.78 -8.67 -2.72
C THR A 432 -8.00 -9.14 -1.29
N VAL A 433 -7.48 -10.34 -0.96
CA VAL A 433 -7.85 -11.01 0.29
C VAL A 433 -6.69 -11.21 1.27
N PHE A 434 -7.05 -11.27 2.56
CA PHE A 434 -6.15 -11.75 3.57
C PHE A 434 -6.90 -12.60 4.63
N VAL A 435 -6.33 -13.77 4.91
CA VAL A 435 -6.73 -14.65 6.03
C VAL A 435 -5.46 -15.16 6.68
N GLY A 436 -5.43 -15.15 8.00
CA GLY A 436 -4.35 -15.70 8.80
C GLY A 436 -4.98 -16.73 9.73
N TYR A 437 -4.49 -17.98 9.66
CA TYR A 437 -5.03 -19.07 10.51
C TYR A 437 -3.88 -19.79 11.18
N GLY A 438 -3.95 -19.95 12.51
CA GLY A 438 -2.98 -20.76 13.24
C GLY A 438 -2.74 -20.25 14.64
N PRO A 439 -1.73 -20.81 15.31
CA PRO A 439 -1.59 -20.52 16.74
C PRO A 439 -1.28 -19.06 17.05
N THR A 440 -0.65 -18.35 16.11
CA THR A 440 -0.21 -16.99 16.37
C THR A 440 -1.28 -15.95 16.00
N PHE A 441 -2.22 -16.32 15.12
CA PHE A 441 -3.31 -15.42 14.74
C PHE A 441 -4.45 -15.56 15.70
N LYS A 442 -5.28 -14.53 15.76
CA LYS A 442 -6.48 -14.58 16.58
C LYS A 442 -7.53 -15.56 16.06
N TYR A 443 -8.42 -15.92 16.98
CA TYR A 443 -9.48 -16.87 16.79
C TYR A 443 -10.73 -16.12 16.43
N LYS A 444 -11.39 -16.52 15.33
CA LYS A 444 -12.65 -15.98 14.86
C LYS A 444 -12.69 -14.47 14.97
N THR A 445 -11.72 -13.81 14.34
CA THR A 445 -11.54 -12.38 14.53
C THR A 445 -11.52 -11.65 13.19
N LYS A 446 -12.30 -10.60 13.12
CA LYS A 446 -12.36 -9.71 11.98
C LYS A 446 -11.57 -8.46 12.29
N VAL A 447 -10.73 -8.05 11.33
CA VAL A 447 -9.89 -6.89 11.48
C VAL A 447 -10.17 -5.93 10.29
N PRO A 448 -9.88 -4.63 10.48
CA PRO A 448 -10.18 -3.69 9.39
C PRO A 448 -9.29 -3.94 8.20
N PRO A 449 -9.69 -3.45 7.00
CA PRO A 449 -8.82 -3.55 5.82
C PRO A 449 -7.47 -2.90 6.08
N PHE A 450 -6.44 -3.46 5.50
CA PHE A 450 -5.11 -2.92 5.62
C PHE A 450 -4.37 -3.13 4.29
N GLU A 451 -3.19 -2.52 4.20
CA GLU A 451 -2.35 -2.57 3.01
C GLU A 451 -1.33 -3.68 3.03
N ASN A 452 -1.07 -4.25 1.86
CA ASN A 452 -0.16 -5.38 1.74
C ASN A 452 1.29 -5.03 2.08
N ILE A 453 1.66 -3.73 2.05
CA ILE A 453 3.01 -3.31 2.50
C ILE A 453 3.28 -3.69 3.99
N GLU A 454 2.21 -3.97 4.75
CA GLU A 454 2.32 -4.22 6.18
C GLU A 454 2.66 -5.68 6.49
N LEU A 455 2.50 -6.56 5.51
CA LEU A 455 2.56 -8.00 5.80
C LEU A 455 3.95 -8.54 6.04
N TYR A 456 4.96 -7.99 5.34
CA TYR A 456 6.33 -8.39 5.57
C TYR A 456 6.67 -8.31 7.07
N ASN A 457 6.31 -7.21 7.73
CA ASN A 457 6.64 -7.10 9.16
C ASN A 457 5.96 -8.22 9.94
N VAL A 458 4.71 -8.51 9.60
CA VAL A 458 3.95 -9.59 10.26
C VAL A 458 4.65 -10.94 10.07
N MET A 459 5.07 -11.22 8.84
CA MET A 459 5.74 -12.48 8.56
C MET A 459 7.07 -12.60 9.30
N CYS A 460 7.79 -11.49 9.39
CA CYS A 460 8.98 -11.41 10.23
C CYS A 460 8.65 -11.73 11.69
N ASP A 461 7.61 -11.09 12.24
CA ASP A 461 7.24 -11.36 13.66
C ASP A 461 6.89 -12.83 13.88
N LEU A 462 6.13 -13.41 12.96
CA LEU A 462 5.73 -14.82 13.01
CA LEU A 462 5.74 -14.82 13.02
C LEU A 462 6.91 -15.79 13.01
N LEU A 463 8.03 -15.36 12.44
CA LEU A 463 9.22 -16.21 12.33
C LEU A 463 10.36 -15.81 13.28
N GLY A 464 10.12 -14.81 14.13
CA GLY A 464 11.12 -14.33 15.07
C GLY A 464 12.22 -13.53 14.43
N LEU A 465 11.94 -12.90 13.28
CA LEU A 465 12.92 -12.15 12.54
C LEU A 465 12.81 -10.64 12.78
N LYS A 466 13.95 -9.96 12.78
CA LYS A 466 14.00 -8.52 12.75
C LYS A 466 13.79 -8.11 11.29
N PRO A 467 12.73 -7.32 11.01
CA PRO A 467 12.52 -6.92 9.61
C PRO A 467 13.58 -5.96 9.11
N ALA A 468 13.97 -6.10 7.85
CA ALA A 468 14.80 -5.11 7.19
C ALA A 468 14.00 -3.83 7.09
N PRO A 469 14.68 -2.69 6.85
CA PRO A 469 13.93 -1.43 6.79
C PRO A 469 12.92 -1.46 5.64
N ASN A 470 11.70 -1.03 5.92
CA ASN A 470 10.63 -1.21 4.95
C ASN A 470 9.52 -0.18 5.20
N ASN A 471 8.52 -0.19 4.33
CA ASN A 471 7.47 0.83 4.32
C ASN A 471 6.24 0.48 5.09
N GLY A 472 6.18 -0.72 5.69
CA GLY A 472 5.17 -1.02 6.66
C GLY A 472 5.42 -0.16 7.89
N THR A 473 4.43 -0.15 8.78
CA THR A 473 4.48 0.52 10.06
C THR A 473 4.39 -0.57 11.13
N HIS A 474 5.53 -0.87 11.73
CA HIS A 474 5.66 -2.08 12.52
C HIS A 474 4.92 -1.82 13.80
N GLY A 475 3.99 -2.70 14.13
CA GLY A 475 3.08 -2.51 15.22
C GLY A 475 1.66 -2.24 14.77
N SER A 476 1.47 -1.78 13.52
CA SER A 476 0.15 -1.35 13.07
C SER A 476 -0.81 -2.52 12.89
N LEU A 477 -0.31 -3.75 12.85
CA LEU A 477 -1.19 -4.93 12.71
C LEU A 477 -1.12 -5.86 13.93
N ASN A 478 -0.75 -5.30 15.08
CA ASN A 478 -0.65 -6.11 16.31
C ASN A 478 -1.99 -6.74 16.72
N HIS A 479 -3.08 -6.11 16.28
CA HIS A 479 -4.42 -6.62 16.56
C HIS A 479 -4.82 -7.87 15.78
N LEU A 480 -3.99 -8.30 14.81
CA LEU A 480 -4.21 -9.56 14.12
C LEU A 480 -3.67 -10.76 14.91
N LEU A 481 -2.82 -10.51 15.91
CA LEU A 481 -2.09 -11.61 16.51
C LEU A 481 -2.51 -11.89 17.96
N ARG A 482 -2.52 -13.18 18.30
CA ARG A 482 -2.82 -13.62 19.66
CA ARG A 482 -2.83 -13.61 19.66
C ARG A 482 -1.75 -13.13 20.62
N THR A 483 -0.49 -13.21 20.18
CA THR A 483 0.63 -12.75 20.97
C THR A 483 1.60 -11.97 20.10
N ASN A 484 2.14 -10.89 20.66
CA ASN A 484 3.03 -9.98 19.94
C ASN A 484 4.39 -9.92 20.58
N THR A 485 5.42 -10.28 19.82
CA THR A 485 6.81 -10.15 20.22
C THR A 485 7.31 -8.73 20.01
N PHE A 486 6.59 -7.94 19.21
CA PHE A 486 7.01 -6.56 18.97
C PHE A 486 6.14 -5.51 19.65
N ARG A 487 6.81 -4.63 20.41
CA ARG A 487 6.18 -3.54 21.13
C ARG A 487 6.71 -2.27 20.49
N PRO A 488 5.85 -1.55 19.73
CA PRO A 488 6.38 -0.36 19.06
C PRO A 488 6.63 0.76 20.06
N THR A 489 7.64 1.59 19.82
CA THR A 489 7.85 2.75 20.67
C THR A 489 7.70 4.05 19.86
N MET A 490 7.04 5.01 20.50
CA MET A 490 6.80 6.31 19.91
C MET A 490 8.13 6.98 19.69
N PRO A 491 8.35 7.61 18.52
CA PRO A 491 9.65 8.24 18.33
C PRO A 491 9.85 9.48 19.21
N GLU A 492 11.09 9.66 19.67
CA GLU A 492 11.42 10.79 20.52
C GLU A 492 11.43 12.04 19.69
N GLU A 493 10.94 13.12 20.28
CA GLU A 493 11.01 14.42 19.67
C GLU A 493 12.46 14.87 19.48
N VAL A 494 12.78 15.40 18.29
CA VAL A 494 14.15 15.78 17.92
C VAL A 494 14.43 17.26 18.19
N THR A 495 13.47 18.13 17.90
CA THR A 495 13.59 19.55 18.19
C THR A 495 12.48 19.95 19.14
N ARG A 496 12.87 20.47 20.30
CA ARG A 496 11.91 21.00 21.27
C ARG A 496 11.48 22.39 20.81
N PRO A 497 10.20 22.72 21.00
CA PRO A 497 9.69 24.01 20.58
C PRO A 497 10.19 25.15 21.47
N ASN A 498 10.27 26.35 20.91
CA ASN A 498 10.30 27.57 21.71
C ASN A 498 8.87 28.06 21.91
N TYR A 499 8.66 28.80 22.98
CA TYR A 499 7.38 29.41 23.32
C TYR A 499 7.53 30.92 23.46
N PRO A 500 7.64 31.65 22.34
CA PRO A 500 7.91 33.09 22.46
C PRO A 500 6.71 33.87 23.04
N GLY A 501 7.00 34.85 23.90
CA GLY A 501 6.01 35.85 24.35
C GLY A 501 6.09 37.13 23.52
N ILE A 502 5.53 38.22 24.04
CA ILE A 502 5.46 39.49 23.32
C ILE A 502 6.83 40.16 23.45
N MET A 503 7.50 40.27 22.31
CA MET A 503 8.89 40.69 22.21
C MET A 503 9.12 41.95 21.36
N TYR A 504 8.08 42.40 20.70
CA TYR A 504 8.18 43.52 19.78
C TYR A 504 6.96 44.38 19.88
N LEU A 505 7.07 45.55 19.24
CA LEU A 505 5.95 46.39 18.91
C LEU A 505 5.70 46.28 17.42
N GLN A 506 4.49 46.58 16.98
CA GLN A 506 4.19 46.58 15.53
C GLN A 506 5.15 47.46 14.73
N SER A 507 5.53 48.59 15.32
CA SER A 507 6.45 49.52 14.66
C SER A 507 7.89 49.03 14.53
N ASP A 508 8.23 47.92 15.15
CA ASP A 508 9.53 47.28 14.89
C ASP A 508 9.58 46.59 13.53
N PHE A 509 8.44 46.45 12.87
CA PHE A 509 8.38 45.71 11.60
C PHE A 509 8.27 46.64 10.40
N ASP A 510 8.89 46.25 9.29
CA ASP A 510 8.69 46.94 8.00
C ASP A 510 8.60 45.83 6.97
N LEU A 511 7.46 45.16 6.95
CA LEU A 511 7.25 43.99 6.09
C LEU A 511 6.53 44.34 4.80
N GLY A 512 6.11 45.59 4.68
CA GLY A 512 5.33 46.02 3.53
C GLY A 512 3.90 45.55 3.63
N CYS A 513 3.49 45.14 4.83
CA CYS A 513 2.13 44.68 5.06
C CYS A 513 1.35 45.81 5.63
N THR A 514 0.04 45.75 5.41
CA THR A 514 -0.87 46.78 5.89
C THR A 514 -2.11 46.07 6.40
N CYS A 515 -2.79 46.70 7.36
CA CYS A 515 -4.08 46.20 7.84
C CYS A 515 -4.92 47.39 8.31
N ASP A 516 -6.18 47.43 7.89
CA ASP A 516 -7.07 48.55 8.22
C ASP A 516 -7.87 48.24 9.48
N ASP A 517 -7.17 48.22 10.63
CA ASP A 517 -7.79 47.84 11.91
C ASP A 517 -8.25 49.02 12.77
N GLU A 540 -6.22 21.21 25.77
CA GLU A 540 -6.39 22.34 24.85
C GLU A 540 -7.48 22.03 23.82
N ARG A 541 -8.37 22.99 23.62
CA ARG A 541 -9.49 22.83 22.71
C ARG A 541 -9.04 22.57 21.27
N HIS A 542 -7.97 23.24 20.82
CA HIS A 542 -7.60 23.23 19.39
C HIS A 542 -6.54 22.17 19.05
N LEU A 543 -5.98 21.59 20.10
CA LEU A 543 -4.99 20.54 19.95
C LEU A 543 -5.41 19.38 20.82
N LEU A 544 -6.14 18.45 20.21
CA LEU A 544 -6.87 17.44 20.95
C LEU A 544 -6.09 16.17 21.26
N TYR A 545 -5.02 15.93 20.52
CA TYR A 545 -4.26 14.69 20.61
C TYR A 545 -2.79 14.99 20.86
N GLY A 546 -2.53 16.10 21.55
CA GLY A 546 -1.16 16.59 21.83
C GLY A 546 -0.53 17.27 20.63
N ARG A 547 0.51 18.05 20.83
CA ARG A 547 1.30 18.67 19.74
CA ARG A 547 1.13 18.63 19.65
C ARG A 547 1.93 17.58 18.88
N PRO A 548 2.04 17.79 17.56
CA PRO A 548 2.90 16.95 16.76
C PRO A 548 4.34 17.08 17.29
N ALA A 549 5.15 16.06 17.07
CA ALA A 549 6.56 16.13 17.41
C ALA A 549 7.32 16.39 16.13
N VAL A 550 8.34 17.22 16.22
CA VAL A 550 9.22 17.51 15.09
C VAL A 550 10.40 16.56 15.13
N LEU A 551 10.57 15.76 14.07
CA LEU A 551 11.52 14.65 14.09
C LEU A 551 12.78 14.94 13.29
N TYR A 552 13.10 16.21 13.12
CA TYR A 552 14.33 16.67 12.46
C TYR A 552 14.86 17.90 13.18
N ARG A 553 16.09 18.28 12.84
CA ARG A 553 16.79 19.36 13.54
C ARG A 553 16.43 20.64 12.89
N THR A 554 15.86 21.55 13.66
CA THR A 554 15.36 22.77 13.12
C THR A 554 15.17 23.71 14.30
N ARG A 555 14.50 24.82 14.05
CA ARG A 555 14.09 25.73 15.11
C ARG A 555 12.65 26.16 14.82
N TYR A 556 11.78 26.00 15.81
CA TYR A 556 10.38 26.39 15.64
C TYR A 556 9.72 26.88 16.92
N ASP A 557 8.63 27.61 16.74
CA ASP A 557 7.90 28.27 17.82
C ASP A 557 6.49 27.71 17.91
N ILE A 558 6.01 27.40 19.11
CA ILE A 558 4.57 27.16 19.30
C ILE A 558 3.89 28.51 19.51
N LEU A 559 2.82 28.75 18.74
CA LEU A 559 2.08 29.98 18.78
C LEU A 559 0.65 29.63 19.12
N TYR A 560 0.14 30.25 20.19
CA TYR A 560 -1.22 29.99 20.63
C TYR A 560 -2.13 31.14 20.22
N HIS A 561 -3.38 30.83 19.87
CA HIS A 561 -4.37 31.83 19.56
C HIS A 561 -5.73 31.32 20.02
N THR A 562 -6.69 32.24 20.13
CA THR A 562 -8.04 31.92 20.56
C THR A 562 -8.64 30.76 19.75
N ASP A 563 -8.47 30.83 18.45
CA ASP A 563 -9.07 29.90 17.49
C ASP A 563 -8.17 28.81 16.90
N PHE A 564 -6.87 28.90 17.12
CA PHE A 564 -5.92 27.96 16.51
C PHE A 564 -4.56 27.97 17.20
N GLU A 565 -3.79 26.90 17.00
CA GLU A 565 -2.45 26.77 17.53
C GLU A 565 -1.58 26.31 16.38
N SER A 566 -0.31 26.73 16.39
CA SER A 566 0.56 26.39 15.28
C SER A 566 1.97 26.14 15.76
N GLY A 567 2.71 25.40 14.94
CA GLY A 567 4.14 25.13 15.12
C GLY A 567 4.83 25.84 13.98
N TYR A 568 5.40 27.01 14.29
CA TYR A 568 5.88 27.95 13.28
C TYR A 568 7.37 27.78 13.03
N SER A 569 7.75 27.42 11.81
CA SER A 569 9.17 27.20 11.51
C SER A 569 9.89 28.51 11.24
N GLU A 570 10.96 28.77 12.02
CA GLU A 570 11.77 29.94 11.76
C GLU A 570 12.70 29.76 10.56
N ILE A 571 12.82 28.53 10.07
CA ILE A 571 13.66 28.19 8.92
C ILE A 571 12.85 28.31 7.63
N PHE A 572 11.65 27.73 7.61
CA PHE A 572 10.80 27.82 6.41
C PHE A 572 9.91 29.06 6.37
N LEU A 573 9.90 29.83 7.46
CA LEU A 573 9.12 31.05 7.60
C LEU A 573 7.61 30.85 7.49
N MET A 574 7.15 29.70 7.95
CA MET A 574 5.71 29.39 7.96
C MET A 574 5.47 28.23 8.93
N PRO A 575 4.19 27.96 9.28
CA PRO A 575 3.91 26.79 10.11
C PRO A 575 4.21 25.50 9.40
N LEU A 576 4.68 24.55 10.19
CA LEU A 576 4.82 23.16 9.80
C LEU A 576 3.46 22.49 9.96
N TRP A 577 2.67 23.00 10.91
CA TRP A 577 1.33 22.50 11.22
C TRP A 577 0.53 23.61 11.93
N THR A 578 -0.77 23.60 11.68
CA THR A 578 -1.72 24.54 12.25
C THR A 578 -2.94 23.72 12.62
N SER A 579 -3.34 23.77 13.87
CA SER A 579 -4.38 22.92 14.42
C SER A 579 -5.57 23.75 14.93
N TYR A 580 -6.79 23.31 14.61
CA TYR A 580 -7.99 23.99 15.07
C TYR A 580 -9.18 23.06 15.10
N THR A 581 -10.06 23.27 16.07
CA THR A 581 -11.26 22.49 16.20
C THR A 581 -12.47 23.32 15.80
N VAL A 582 -13.32 22.74 14.98
CA VAL A 582 -14.51 23.40 14.49
C VAL A 582 -15.70 22.59 15.01
N SER A 583 -16.53 23.22 15.83
CA SER A 583 -17.67 22.50 16.39
C SER A 583 -18.76 22.36 15.34
N LYS A 584 -19.67 21.41 15.58
CA LYS A 584 -20.84 21.22 14.72
C LYS A 584 -21.63 22.53 14.48
N GLN A 585 -21.69 23.40 15.48
CA GLN A 585 -22.54 24.59 15.43
C GLN A 585 -21.78 25.85 15.03
N ALA A 586 -20.50 25.70 14.67
CA ALA A 586 -19.64 26.86 14.35
C ALA A 586 -20.22 27.61 13.16
N GLU A 587 -20.11 28.92 13.15
CA GLU A 587 -20.59 29.72 12.01
C GLU A 587 -19.42 30.13 11.11
N VAL A 588 -19.71 30.21 9.81
CA VAL A 588 -18.77 30.68 8.82
C VAL A 588 -19.10 32.15 8.62
N SER A 589 -18.07 33.00 8.63
CA SER A 589 -18.28 34.43 8.41
C SER A 589 -17.42 34.83 7.22
N SER A 590 -17.67 35.99 6.66
CA SER A 590 -16.87 36.43 5.52
C SER A 590 -15.86 37.43 6.04
N VAL A 591 -14.90 37.75 5.20
CA VAL A 591 -13.93 38.79 5.50
C VAL A 591 -14.44 40.10 4.88
N PRO A 592 -14.62 41.16 5.70
CA PRO A 592 -15.02 42.47 5.18
C PRO A 592 -14.07 42.97 4.10
N ASP A 593 -14.60 43.72 3.13
CA ASP A 593 -13.77 44.21 2.04
C ASP A 593 -12.51 44.92 2.52
N HIS A 594 -12.65 45.71 3.57
CA HIS A 594 -11.54 46.54 4.04
C HIS A 594 -10.41 45.69 4.68
N LEU A 595 -10.69 44.40 4.92
CA LEU A 595 -9.71 43.48 5.51
C LEU A 595 -9.22 42.37 4.59
N THR A 596 -9.62 42.35 3.32
CA THR A 596 -9.24 41.23 2.46
C THR A 596 -7.71 41.14 2.28
N SER A 597 -7.02 42.27 2.25
CA SER A 597 -5.57 42.26 2.17
C SER A 597 -4.88 42.51 3.52
N CYS A 598 -5.61 42.39 4.63
CA CYS A 598 -4.99 42.58 5.96
C CYS A 598 -3.97 41.49 6.23
N VAL A 599 -2.72 41.90 6.49
CA VAL A 599 -1.66 41.03 7.00
C VAL A 599 -1.01 41.78 8.18
N ARG A 600 -0.83 41.11 9.31
CA ARG A 600 -0.35 41.76 10.52
C ARG A 600 0.95 41.14 11.01
N PRO A 601 1.91 41.98 11.42
CA PRO A 601 3.10 41.37 12.02
C PRO A 601 2.78 40.65 13.33
N ASP A 602 3.54 39.61 13.61
CA ASP A 602 3.38 38.83 14.84
C ASP A 602 4.46 39.25 15.83
N VAL A 603 4.03 39.93 16.89
CA VAL A 603 4.95 40.52 17.86
C VAL A 603 5.68 39.49 18.74
N ARG A 604 5.40 38.19 18.53
CA ARG A 604 6.18 37.12 19.15
C ARG A 604 7.36 36.63 18.33
N VAL A 605 7.37 36.97 17.03
CA VAL A 605 8.35 36.44 16.08
C VAL A 605 9.15 37.56 15.40
N SER A 606 10.47 37.41 15.42
CA SER A 606 11.41 38.40 14.90
C SER A 606 11.11 38.74 13.45
N PRO A 607 11.26 40.03 13.07
CA PRO A 607 11.14 40.37 11.67
C PRO A 607 12.03 39.52 10.81
N SER A 608 13.20 39.14 11.31
CA SER A 608 14.14 38.32 10.55
C SER A 608 13.63 36.91 10.21
N PHE A 609 12.66 36.39 10.99
CA PHE A 609 12.12 35.05 10.76
C PHE A 609 10.64 35.12 10.35
N SER A 610 10.27 36.23 9.72
CA SER A 610 8.92 36.48 9.27
C SER A 610 8.94 36.59 7.75
N GLN A 611 7.80 36.26 7.13
CA GLN A 611 7.57 36.55 5.74
C GLN A 611 7.36 38.06 5.59
N ASN A 612 7.33 38.51 4.34
CA ASN A 612 6.99 39.90 4.08
C ASN A 612 6.05 40.00 2.91
N CYS A 613 5.25 41.05 2.86
CA CYS A 613 4.22 41.21 1.84
C CYS A 613 4.76 41.73 0.51
N LEU A 614 5.93 42.35 0.55
CA LEU A 614 6.57 42.90 -0.66
C LEU A 614 6.91 41.76 -1.63
N ALA A 615 7.37 40.63 -1.09
CA ALA A 615 7.70 39.45 -1.87
C ALA A 615 6.50 39.00 -2.73
N TYR A 616 5.32 38.98 -2.14
CA TYR A 616 4.12 38.58 -2.86
C TYR A 616 3.70 39.62 -3.88
N LYS A 617 3.86 40.90 -3.53
CA LYS A 617 3.53 41.96 -4.48
C LYS A 617 4.45 41.90 -5.68
N ASN A 618 5.73 41.59 -5.47
CA ASN A 618 6.69 41.48 -6.59
C ASN A 618 6.64 40.16 -7.37
N ASP A 619 5.89 39.17 -6.89
CA ASP A 619 5.80 37.88 -7.55
C ASP A 619 4.46 37.86 -8.29
N LYS A 620 4.54 38.07 -9.61
CA LYS A 620 3.35 38.18 -10.44
C LYS A 620 2.55 36.89 -10.45
N GLN A 621 3.24 35.76 -10.29
CA GLN A 621 2.62 34.42 -10.30
C GLN A 621 2.12 33.90 -8.94
N MET A 622 2.58 34.49 -7.85
CA MET A 622 2.32 33.94 -6.50
C MET A 622 1.44 34.83 -5.65
N SER A 623 0.46 34.23 -4.97
CA SER A 623 -0.32 34.93 -4.02
C SER A 623 -0.12 34.19 -2.66
N TYR A 624 -1.00 34.44 -1.72
CA TYR A 624 -0.94 33.77 -0.41
C TYR A 624 -2.30 33.38 0.08
N GLY A 625 -2.29 32.41 0.99
CA GLY A 625 -3.47 32.03 1.72
C GLY A 625 -3.09 31.84 3.17
N PHE A 626 -4.03 31.35 3.96
CA PHE A 626 -3.87 31.18 5.40
C PHE A 626 -4.14 29.76 5.81
N LEU A 627 -3.36 29.24 6.76
CA LEU A 627 -3.59 27.90 7.26
C LEU A 627 -4.82 27.79 8.16
N PHE A 628 -4.98 28.71 9.11
CA PHE A 628 -6.24 28.85 9.78
C PHE A 628 -7.04 29.90 9.01
N PRO A 629 -8.24 29.51 8.52
CA PRO A 629 -9.00 30.46 7.72
C PRO A 629 -9.73 31.56 8.51
N PRO A 630 -9.53 32.83 8.11
CA PRO A 630 -10.28 33.94 8.71
C PRO A 630 -11.80 33.69 8.72
N TYR A 631 -12.30 32.95 7.74
CA TYR A 631 -13.72 32.67 7.60
C TYR A 631 -14.26 31.90 8.81
N LEU A 632 -13.40 31.22 9.58
CA LEU A 632 -13.86 30.44 10.74
C LEU A 632 -13.51 31.06 12.09
N SER A 633 -13.15 32.33 12.09
CA SER A 633 -12.90 33.06 13.33
C SER A 633 -14.09 33.01 14.28
N SER A 634 -13.82 32.99 15.58
CA SER A 634 -14.88 32.88 16.58
C SER A 634 -15.55 34.23 16.88
N SER A 635 -14.88 35.31 16.49
CA SER A 635 -15.39 36.68 16.64
C SER A 635 -14.66 37.61 15.69
N PRO A 636 -15.24 38.78 15.41
CA PRO A 636 -14.47 39.73 14.59
C PRO A 636 -13.14 40.17 15.23
N GLU A 637 -13.02 40.21 16.55
CA GLU A 637 -11.72 40.52 17.20
C GLU A 637 -10.71 39.38 17.05
N ALA A 638 -11.16 38.15 17.25
CA ALA A 638 -10.26 36.98 17.08
C ALA A 638 -9.82 36.86 15.62
N LYS A 639 -10.66 37.32 14.69
CA LYS A 639 -10.32 37.26 13.25
C LYS A 639 -8.98 37.90 12.92
N TYR A 640 -8.59 38.93 13.67
CA TYR A 640 -7.29 39.55 13.45
C TYR A 640 -6.09 38.61 13.65
N ASP A 641 -6.23 37.61 14.53
CA ASP A 641 -5.19 36.59 14.68
C ASP A 641 -4.97 35.84 13.36
N ALA A 642 -6.07 35.58 12.63
CA ALA A 642 -5.98 34.81 11.39
C ALA A 642 -5.22 35.55 10.29
N PHE A 643 -5.14 36.90 10.38
CA PHE A 643 -4.33 37.67 9.43
C PHE A 643 -2.85 37.86 9.80
N LEU A 644 -2.39 37.19 10.86
CA LEU A 644 -1.00 37.27 11.22
C LEU A 644 -0.11 36.74 10.11
N VAL A 645 1.03 37.40 9.96
CA VAL A 645 2.04 37.01 8.98
C VAL A 645 2.54 35.58 9.20
N THR A 646 2.41 35.12 10.45
CA THR A 646 2.83 33.78 10.83
C THR A 646 1.80 32.68 10.49
N ASN A 647 0.64 33.07 9.98
CA ASN A 647 -0.42 32.14 9.51
C ASN A 647 -0.48 32.12 7.97
N MET A 648 0.32 32.96 7.31
CA MET A 648 0.26 33.02 5.85
C MET A 648 1.23 32.01 5.16
N VAL A 649 0.81 31.53 3.99
CA VAL A 649 1.57 30.57 3.21
C VAL A 649 1.46 30.91 1.72
N PRO A 650 2.51 30.59 0.96
CA PRO A 650 2.47 30.97 -0.45
C PRO A 650 1.57 30.03 -1.26
N MET A 651 0.69 30.62 -2.04
CA MET A 651 -0.28 29.88 -2.83
C MET A 651 -0.50 30.51 -4.22
N TYR A 652 -0.35 29.72 -5.27
CA TYR A 652 -0.76 30.16 -6.61
C TYR A 652 -2.24 30.47 -6.60
N PRO A 653 -2.63 31.49 -7.36
CA PRO A 653 -4.05 31.76 -7.46
C PRO A 653 -4.90 30.57 -7.90
N ALA A 654 -4.41 29.76 -8.81
CA ALA A 654 -5.17 28.58 -9.27
C ALA A 654 -5.44 27.64 -8.09
N PHE A 655 -4.45 27.48 -7.22
CA PHE A 655 -4.61 26.62 -6.03
C PHE A 655 -5.53 27.26 -4.98
N LYS A 656 -5.56 28.60 -4.89
CA LYS A 656 -6.44 29.25 -3.96
C LYS A 656 -7.93 28.94 -4.24
N ARG A 657 -8.29 28.68 -5.49
CA ARG A 657 -9.64 28.21 -5.80
C ARG A 657 -9.95 26.95 -4.99
N VAL A 658 -9.00 26.04 -4.99
CA VAL A 658 -9.13 24.79 -4.25
C VAL A 658 -9.14 25.04 -2.75
N TRP A 659 -8.16 25.80 -2.28
CA TRP A 659 -7.97 25.97 -0.84
C TRP A 659 -9.13 26.75 -0.21
N ASN A 660 -9.54 27.84 -0.86
CA ASN A 660 -10.69 28.60 -0.36
C ASN A 660 -11.97 27.77 -0.27
N TYR A 661 -12.20 26.88 -1.23
CA TYR A 661 -13.43 26.09 -1.20
C TYR A 661 -13.35 25.09 -0.02
N PHE A 662 -12.18 24.50 0.13
CA PHE A 662 -11.95 23.55 1.25
C PHE A 662 -12.24 24.27 2.57
N GLN A 663 -11.60 25.42 2.75
CA GLN A 663 -11.72 26.12 4.02
C GLN A 663 -13.08 26.74 4.28
N ARG A 664 -13.66 27.39 3.28
CA ARG A 664 -14.91 28.14 3.46
C ARG A 664 -16.17 27.27 3.39
N VAL A 665 -16.14 26.23 2.58
CA VAL A 665 -17.28 25.34 2.39
C VAL A 665 -17.14 23.95 3.02
N LEU A 666 -16.05 23.22 2.71
CA LEU A 666 -15.94 21.83 3.13
C LEU A 666 -15.69 21.64 4.61
N VAL A 667 -14.86 22.48 5.24
CA VAL A 667 -14.56 22.24 6.63
C VAL A 667 -15.83 22.29 7.45
N LYS A 668 -16.68 23.28 7.19
CA LYS A 668 -17.90 23.40 7.97
C LYS A 668 -18.85 22.25 7.65
N LYS A 669 -18.90 21.81 6.39
CA LYS A 669 -19.69 20.63 6.02
C LYS A 669 -19.28 19.38 6.81
N TYR A 670 -17.98 19.17 6.91
CA TYR A 670 -17.45 18.03 7.63
C TYR A 670 -17.79 18.13 9.12
N ALA A 671 -17.68 19.34 9.68
CA ALA A 671 -18.04 19.55 11.08
C ALA A 671 -19.51 19.17 11.33
N SER A 672 -20.39 19.58 10.42
CA SER A 672 -21.80 19.25 10.51
CA SER A 672 -21.80 19.25 10.51
C SER A 672 -22.04 17.74 10.43
N GLU A 673 -21.39 17.08 9.48
CA GLU A 673 -21.54 15.62 9.28
C GLU A 673 -20.96 14.81 10.42
N ARG A 674 -19.85 15.27 10.97
CA ARG A 674 -19.04 14.44 11.86
C ARG A 674 -19.17 14.82 13.32
N ASN A 675 -20.00 15.82 13.59
CA ASN A 675 -20.20 16.36 14.93
C ASN A 675 -18.93 17.02 15.46
N GLY A 676 -18.48 17.99 14.68
CA GLY A 676 -17.21 18.65 14.95
C GLY A 676 -16.08 17.91 14.28
N VAL A 677 -15.10 18.68 13.82
CA VAL A 677 -13.82 18.11 13.39
C VAL A 677 -12.65 18.91 13.96
N ASN A 678 -11.54 18.22 14.16
CA ASN A 678 -10.29 18.85 14.40
C ASN A 678 -9.50 18.80 13.10
N VAL A 679 -8.97 19.94 12.70
CA VAL A 679 -8.18 20.05 11.47
C VAL A 679 -6.73 20.38 11.81
N ILE A 680 -5.79 19.66 11.21
CA ILE A 680 -4.41 20.05 11.15
C ILE A 680 -4.00 20.20 9.70
N SER A 681 -3.52 21.39 9.34
CA SER A 681 -3.10 21.70 7.97
C SER A 681 -1.65 22.20 7.92
N GLY A 682 -1.00 22.04 6.77
CA GLY A 682 0.37 22.52 6.67
C GLY A 682 0.95 22.30 5.30
N PRO A 683 2.18 22.76 5.09
CA PRO A 683 2.92 22.60 3.85
C PRO A 683 3.70 21.29 3.80
N ILE A 684 3.97 20.86 2.58
CA ILE A 684 4.87 19.79 2.28
C ILE A 684 5.85 20.24 1.17
N PHE A 685 7.12 19.93 1.39
CA PHE A 685 8.19 20.14 0.44
C PHE A 685 8.79 18.81 -0.01
N ASP A 686 8.53 18.40 -1.26
CA ASP A 686 9.10 17.17 -1.78
C ASP A 686 9.50 17.33 -3.25
N TYR A 687 10.46 18.22 -3.47
CA TYR A 687 10.90 18.56 -4.83
C TYR A 687 11.56 17.39 -5.56
N ASP A 688 12.12 16.44 -4.83
CA ASP A 688 12.79 15.30 -5.46
C ASP A 688 11.90 14.06 -5.45
N TYR A 689 10.62 14.26 -5.14
CA TYR A 689 9.56 13.24 -5.20
C TYR A 689 9.99 11.89 -4.66
N ASP A 690 10.68 11.91 -3.54
CA ASP A 690 11.02 10.65 -2.85
C ASP A 690 10.07 10.29 -1.72
N GLY A 691 9.02 11.08 -1.53
CA GLY A 691 8.04 10.82 -0.47
C GLY A 691 8.51 11.21 0.92
N LEU A 692 9.63 11.92 0.96
CA LEU A 692 10.28 12.31 2.22
C LEU A 692 10.45 13.82 2.29
N HIS A 693 10.18 14.38 3.46
CA HIS A 693 10.45 15.78 3.75
C HIS A 693 11.84 16.24 3.21
N ASP A 694 11.86 17.33 2.44
CA ASP A 694 13.09 17.84 1.86
C ASP A 694 13.98 18.53 2.89
N THR A 695 15.29 18.31 2.81
CA THR A 695 16.24 19.29 3.37
C THR A 695 16.21 20.57 2.52
N GLU A 696 16.70 21.68 3.06
CA GLU A 696 16.54 22.97 2.39
C GLU A 696 17.19 23.02 1.01
N ASP A 697 18.28 22.29 0.83
CA ASP A 697 19.02 22.29 -0.45
C ASP A 697 18.21 21.72 -1.62
N LYS A 698 17.19 20.93 -1.30
CA LYS A 698 16.34 20.36 -2.35
C LYS A 698 15.24 21.28 -2.86
N ILE A 699 14.92 22.33 -2.11
CA ILE A 699 13.85 23.23 -2.48
C ILE A 699 14.23 24.06 -3.71
N LYS A 700 13.48 23.93 -4.78
CA LYS A 700 13.84 24.56 -6.06
C LYS A 700 13.12 25.84 -6.37
N GLN A 701 12.15 26.22 -5.53
CA GLN A 701 11.37 27.39 -5.82
C GLN A 701 11.07 28.19 -4.57
N TYR A 702 11.21 29.52 -4.72
CA TYR A 702 10.98 30.50 -3.65
C TYR A 702 10.12 31.62 -4.18
N VAL A 703 9.38 32.29 -3.28
CA VAL A 703 8.64 33.48 -3.69
C VAL A 703 9.69 34.48 -4.16
N GLU A 704 9.40 35.18 -5.25
CA GLU A 704 10.43 35.94 -5.98
C GLU A 704 11.15 36.93 -5.08
N GLY A 705 12.48 36.88 -5.12
CA GLY A 705 13.33 37.77 -4.30
C GLY A 705 13.20 37.55 -2.79
N SER A 706 12.93 36.32 -2.36
CA SER A 706 12.82 36.01 -0.93
C SER A 706 13.44 34.68 -0.56
N SER A 707 13.49 34.41 0.74
CA SER A 707 13.86 33.10 1.22
C SER A 707 12.59 32.32 1.59
N ILE A 708 11.44 32.74 1.05
CA ILE A 708 10.17 32.03 1.34
C ILE A 708 10.01 30.84 0.36
N PRO A 709 10.15 29.62 0.87
CA PRO A 709 10.13 28.41 0.01
C PRO A 709 8.70 28.11 -0.43
N VAL A 710 8.54 27.53 -1.61
CA VAL A 710 7.21 27.23 -2.14
C VAL A 710 6.88 25.76 -1.91
N PRO A 711 5.82 25.47 -1.14
CA PRO A 711 5.50 24.05 -0.93
C PRO A 711 5.09 23.35 -2.24
N THR A 712 5.40 22.06 -2.34
CA THR A 712 4.94 21.25 -3.47
C THR A 712 3.50 20.75 -3.24
N HIS A 713 3.09 20.71 -1.98
CA HIS A 713 1.74 20.23 -1.63
C HIS A 713 1.27 20.89 -0.34
N TYR A 714 -0.04 20.84 -0.09
CA TYR A 714 -0.59 21.22 1.22
C TYR A 714 -1.42 20.06 1.74
N TYR A 715 -1.21 19.70 3.00
CA TYR A 715 -1.96 18.60 3.63
C TYR A 715 -3.02 19.08 4.59
N SER A 716 -3.95 18.17 4.90
CA SER A 716 -4.81 18.36 6.07
C SER A 716 -5.16 17.00 6.61
N ILE A 717 -5.26 16.95 7.93
CA ILE A 717 -5.67 15.75 8.68
C ILE A 717 -6.93 16.17 9.44
N ILE A 718 -8.03 15.47 9.19
CA ILE A 718 -9.34 15.83 9.69
C ILE A 718 -9.82 14.71 10.61
N THR A 719 -9.94 14.99 11.91
CA THR A 719 -10.21 14.00 12.96
C THR A 719 -11.53 14.29 13.70
N SER A 720 -12.25 13.23 14.05
CA SER A 720 -13.51 13.32 14.79
C SER A 720 -13.71 12.04 15.58
N CYS A 721 -14.84 11.92 16.25
CA CYS A 721 -15.12 10.73 17.06
C CYS A 721 -15.73 9.66 16.16
N LEU A 722 -15.20 8.44 16.19
CA LEU A 722 -15.77 7.37 15.40
CA LEU A 722 -15.77 7.36 15.39
C LEU A 722 -17.26 7.22 15.75
N ASP A 723 -17.59 7.36 17.02
CA ASP A 723 -18.98 7.43 17.46
C ASP A 723 -19.41 8.88 17.31
N PHE A 724 -20.06 9.21 16.22
CA PHE A 724 -20.38 10.60 15.88
C PHE A 724 -21.46 11.23 16.77
N THR A 725 -22.02 10.47 17.72
CA THR A 725 -22.92 11.08 18.70
C THR A 725 -22.16 11.84 19.77
N GLN A 726 -20.83 11.62 19.84
CA GLN A 726 -19.98 12.40 20.71
C GLN A 726 -19.29 13.44 19.83
N PRO A 727 -19.19 14.71 20.31
CA PRO A 727 -18.51 15.75 19.56
C PRO A 727 -17.00 15.51 19.54
N ALA A 728 -16.34 16.08 18.55
CA ALA A 728 -14.95 15.73 18.32
C ALA A 728 -14.06 16.07 19.51
N ASP A 729 -14.40 17.12 20.24
CA ASP A 729 -13.62 17.51 21.41
C ASP A 729 -14.04 16.86 22.73
N LYS A 730 -15.01 15.94 22.71
CA LYS A 730 -15.37 15.22 23.94
C LYS A 730 -15.62 13.76 23.62
N CYS A 731 -14.63 13.14 23.00
CA CYS A 731 -14.76 11.80 22.45
C CYS A 731 -14.09 10.81 23.38
N ASP A 732 -14.81 9.79 23.82
CA ASP A 732 -14.27 8.86 24.83
C ASP A 732 -13.60 7.65 24.20
N GLY A 733 -13.96 7.36 22.95
CA GLY A 733 -13.56 6.14 22.32
C GLY A 733 -12.63 6.34 21.13
N PRO A 734 -12.66 5.39 20.22
CA PRO A 734 -11.81 5.44 19.03
C PRO A 734 -12.09 6.65 18.16
N LEU A 735 -11.06 7.01 17.41
CA LEU A 735 -11.08 8.19 16.56
C LEU A 735 -11.37 7.81 15.12
N SER A 736 -11.86 8.79 14.35
CA SER A 736 -12.08 8.65 12.92
C SER A 736 -11.25 9.74 12.24
N VAL A 737 -10.47 9.37 11.22
CA VAL A 737 -9.58 10.31 10.60
C VAL A 737 -9.71 10.21 9.08
N SER A 738 -9.55 11.34 8.40
CA SER A 738 -9.38 11.30 6.96
C SER A 738 -8.41 12.42 6.63
N SER A 739 -7.61 12.23 5.59
CA SER A 739 -6.52 13.18 5.31
C SER A 739 -6.30 13.28 3.83
N PHE A 740 -5.61 14.34 3.44
CA PHE A 740 -5.19 14.51 2.06
C PHE A 740 -3.87 15.26 1.92
N ILE A 741 -3.31 15.12 0.73
CA ILE A 741 -2.09 15.81 0.32
C ILE A 741 -2.36 16.44 -1.07
N LEU A 742 -2.76 17.69 -1.07
CA LEU A 742 -3.13 18.35 -2.33
CA LEU A 742 -3.13 18.37 -2.32
C LEU A 742 -1.89 18.90 -3.05
N PRO A 743 -1.79 18.64 -4.38
CA PRO A 743 -0.68 19.24 -5.11
C PRO A 743 -0.84 20.73 -5.22
N HIS A 744 0.24 21.42 -4.94
CA HIS A 744 0.27 22.84 -5.03
C HIS A 744 0.68 23.25 -6.45
N ARG A 745 -0.31 23.30 -7.33
CA ARG A 745 -0.03 23.54 -8.75
C ARG A 745 -0.46 24.94 -9.19
N PRO A 746 0.29 25.56 -10.13
CA PRO A 746 -0.02 26.90 -10.64
C PRO A 746 -1.16 26.92 -11.68
N ASP A 747 -1.71 25.75 -11.97
CA ASP A 747 -2.90 25.66 -12.81
C ASP A 747 -3.72 24.50 -12.35
N ASN A 748 -4.92 24.40 -12.88
CA ASN A 748 -5.82 23.31 -12.60
C ASN A 748 -6.04 22.38 -13.79
N GLU A 749 -4.99 22.17 -14.58
CA GLU A 749 -5.09 21.30 -15.75
C GLU A 749 -5.45 19.86 -15.36
N GLU A 750 -5.09 19.45 -14.15
CA GLU A 750 -5.45 18.12 -13.66
C GLU A 750 -6.97 17.90 -13.60
N SER A 751 -7.70 18.94 -13.28
CA SER A 751 -9.14 18.91 -13.07
C SER A 751 -9.86 19.37 -14.35
N CYS A 752 -10.31 18.40 -15.15
CA CYS A 752 -10.91 18.75 -16.45
C CYS A 752 -12.17 19.62 -16.36
N ASN A 753 -12.85 19.63 -15.22
CA ASN A 753 -14.03 20.49 -15.06
C ASN A 753 -13.78 21.75 -14.22
N SER A 754 -12.53 22.19 -14.16
CA SER A 754 -12.15 23.34 -13.32
C SER A 754 -12.64 24.68 -13.87
N SER A 755 -13.08 24.69 -15.13
CA SER A 755 -13.73 25.91 -15.68
C SER A 755 -15.09 26.16 -15.01
N GLU A 756 -15.63 25.15 -14.32
CA GLU A 756 -16.90 25.27 -13.63
C GLU A 756 -16.68 25.67 -12.18
N ASP A 757 -17.79 25.87 -11.49
CA ASP A 757 -17.75 26.24 -10.07
C ASP A 757 -17.02 25.17 -9.26
N GLU A 758 -16.30 25.59 -8.23
CA GLU A 758 -15.54 24.66 -7.37
C GLU A 758 -16.38 23.49 -6.83
N SER A 759 -17.69 23.67 -6.64
CA SER A 759 -18.55 22.56 -6.17
C SER A 759 -18.66 21.39 -7.16
N LYS A 760 -18.21 21.60 -8.38
CA LYS A 760 -18.21 20.56 -9.41
C LYS A 760 -16.91 19.77 -9.48
N TRP A 761 -15.82 20.27 -8.87
CA TRP A 761 -14.50 19.65 -9.11
C TRP A 761 -13.51 19.59 -7.95
N VAL A 762 -13.64 20.46 -6.94
CA VAL A 762 -12.60 20.52 -5.90
C VAL A 762 -12.58 19.27 -5.03
N GLU A 763 -13.76 18.85 -4.57
CA GLU A 763 -13.80 17.69 -3.69
C GLU A 763 -13.34 16.43 -4.42
N GLU A 764 -13.59 16.36 -5.72
CA GLU A 764 -13.11 15.23 -6.56
C GLU A 764 -11.59 15.18 -6.57
N LEU A 765 -10.98 16.36 -6.68
CA LEU A 765 -9.52 16.45 -6.62
C LEU A 765 -9.01 15.97 -5.28
N MET A 766 -9.65 16.46 -4.21
CA MET A 766 -9.26 16.07 -2.84
C MET A 766 -9.34 14.56 -2.65
N LYS A 767 -10.41 13.92 -3.15
CA LYS A 767 -10.59 12.48 -3.01
C LYS A 767 -9.50 11.70 -3.73
N MET A 768 -9.11 12.17 -4.92
CA MET A 768 -8.06 11.54 -5.69
C MET A 768 -6.74 11.63 -4.91
N HIS A 769 -6.57 12.69 -4.13
CA HIS A 769 -5.34 12.92 -3.36
C HIS A 769 -5.47 12.65 -1.86
N THR A 770 -6.41 11.79 -1.54
CA THR A 770 -6.50 11.22 -0.19
C THR A 770 -5.18 10.57 0.27
N ALA A 771 -4.97 10.52 1.57
CA ALA A 771 -3.69 10.05 2.12
C ALA A 771 -3.84 9.52 3.50
N ARG A 772 -2.87 8.68 3.87
CA ARG A 772 -2.75 8.19 5.23
C ARG A 772 -2.03 9.26 6.05
N VAL A 773 -2.31 9.32 7.33
CA VAL A 773 -1.53 10.20 8.20
C VAL A 773 -0.05 9.84 8.08
N ARG A 774 0.26 8.55 7.96
CA ARG A 774 1.64 8.09 7.84
CA ARG A 774 1.63 8.07 7.84
C ARG A 774 2.33 8.68 6.62
N ASP A 775 1.58 8.87 5.54
CA ASP A 775 2.13 9.49 4.32
C ASP A 775 2.59 10.92 4.59
N ILE A 776 1.75 11.66 5.32
CA ILE A 776 2.06 13.02 5.73
C ILE A 776 3.26 13.04 6.69
N GLU A 777 3.32 12.07 7.62
CA GLU A 777 4.46 12.00 8.53
C GLU A 777 5.79 11.84 7.77
N HIS A 778 5.82 10.99 6.75
CA HIS A 778 7.05 10.83 5.96
C HIS A 778 7.40 12.12 5.23
N LEU A 779 6.36 12.77 4.73
CA LEU A 779 6.55 13.94 3.88
C LEU A 779 6.88 15.24 4.67
N THR A 780 6.74 15.20 5.99
CA THR A 780 6.92 16.37 6.87
C THR A 780 7.94 16.14 8.01
N SER A 781 8.34 14.89 8.23
CA SER A 781 9.10 14.51 9.43
C SER A 781 8.44 15.05 10.72
N LEU A 782 7.11 14.97 10.75
CA LEU A 782 6.34 15.18 11.96
C LEU A 782 5.76 13.86 12.45
N ASP A 783 5.43 13.81 13.74
CA ASP A 783 4.74 12.66 14.31
C ASP A 783 3.47 13.13 14.99
N PHE A 784 2.35 12.57 14.58
CA PHE A 784 1.05 12.98 15.09
C PHE A 784 0.43 11.98 16.09
N PHE A 785 -0.60 12.44 16.76
CA PHE A 785 -1.45 11.60 17.64
C PHE A 785 -0.67 11.03 18.80
N ARG A 786 0.10 11.88 19.44
CA ARG A 786 1.03 11.45 20.48
C ARG A 786 0.44 11.40 21.87
N LYS A 787 -0.68 12.11 22.08
CA LYS A 787 -1.31 12.16 23.41
C LYS A 787 -2.82 11.97 23.30
N THR A 788 -3.26 10.81 22.82
CA THR A 788 -4.68 10.49 22.72
C THR A 788 -5.20 9.64 23.91
N SER A 789 -4.31 9.11 24.74
CA SER A 789 -4.73 8.11 25.75
C SER A 789 -5.31 6.78 25.17
N ARG A 790 -5.04 6.49 23.89
CA ARG A 790 -5.35 5.17 23.30
C ARG A 790 -4.02 4.42 23.24
N SER A 791 -4.07 3.11 23.03
CA SER A 791 -2.84 2.34 22.93
C SER A 791 -2.09 2.76 21.65
N TYR A 792 -0.77 2.72 21.70
CA TYR A 792 0.05 3.12 20.57
C TYR A 792 -0.17 2.22 19.31
N PRO A 793 -0.23 0.91 19.49
CA PRO A 793 -0.56 0.11 18.28
C PRO A 793 -1.90 0.48 17.62
N GLU A 794 -2.91 0.87 18.42
CA GLU A 794 -4.19 1.32 17.89
C GLU A 794 -4.01 2.61 17.09
N ILE A 795 -3.17 3.50 17.62
CA ILE A 795 -2.89 4.77 16.93
C ILE A 795 -2.09 4.51 15.66
N LEU A 796 -1.20 3.54 15.69
CA LEU A 796 -0.52 3.13 14.42
C LEU A 796 -1.51 2.67 13.33
N THR A 797 -2.50 1.88 13.73
CA THR A 797 -3.55 1.47 12.81
C THR A 797 -4.29 2.71 12.27
N LEU A 798 -4.61 3.66 13.15
CA LEU A 798 -5.30 4.87 12.75
C LEU A 798 -4.48 5.67 11.70
N LYS A 799 -3.18 5.74 11.94
CA LYS A 799 -2.27 6.51 11.08
C LYS A 799 -2.01 5.83 9.74
N THR A 800 -2.27 4.52 9.65
CA THR A 800 -2.14 3.80 8.37
C THR A 800 -3.47 3.70 7.60
N TYR A 801 -4.55 4.13 8.22
CA TYR A 801 -5.87 4.16 7.59
C TYR A 801 -5.83 5.05 6.33
N LEU A 802 -6.49 4.63 5.26
CA LEU A 802 -6.69 5.46 4.07
C LEU A 802 -8.19 5.61 3.84
N HIS A 803 -8.68 6.84 3.84
CA HIS A 803 -10.09 7.08 3.49
C HIS A 803 -10.22 7.04 1.95
N THR A 804 -10.82 5.96 1.42
CA THR A 804 -10.76 5.69 -0.05
C THR A 804 -11.88 6.33 -0.86
N TYR A 805 -13.01 6.59 -0.20
CA TYR A 805 -14.22 7.06 -0.89
C TYR A 805 -14.77 5.97 -1.81
N GLU A 806 -14.62 4.72 -1.35
CA GLU A 806 -15.27 3.53 -1.90
C GLU A 806 -14.92 2.32 -1.03
C1 NAG B . 10.27 2.97 2.02
C2 NAG B . 10.62 4.41 2.19
C3 NAG B . 12.03 4.62 1.62
C4 NAG B . 13.07 3.67 2.22
C5 NAG B . 12.53 2.25 2.33
C6 NAG B . 13.51 1.44 3.18
C7 NAG B . 8.89 6.15 2.20
C8 NAG B . 7.99 7.04 1.41
N2 NAG B . 9.68 5.29 1.52
O3 NAG B . 12.39 5.95 1.85
O4 NAG B . 14.17 3.59 1.31
O5 NAG B . 11.21 2.23 2.86
O6 NAG B . 13.65 1.96 4.48
O7 NAG B . 8.91 6.26 3.44
C1 NAG B . 15.42 4.02 1.88
C2 NAG B . 16.55 3.40 1.07
C3 NAG B . 17.94 3.79 1.59
C4 NAG B . 18.00 5.31 1.72
C5 NAG B . 16.81 5.73 2.59
C6 NAG B . 16.80 7.18 3.00
C7 NAG B . 15.77 1.37 -0.04
C8 NAG B . 15.64 -0.14 -0.01
N2 NAG B . 16.38 1.96 0.99
O3 NAG B . 18.88 3.26 0.68
O4 NAG B . 19.25 5.70 2.26
O5 NAG B . 15.59 5.43 1.88
O6 NAG B . 16.83 7.96 1.83
O7 NAG B . 15.32 1.97 -1.01
ZN ZN C . -3.55 -11.07 -14.28
ZN ZN D . -1.51 -11.37 -10.35
CA CA E . 12.00 14.78 -0.66
NA NA F . 1.85 38.15 -6.35
NA NA G . -8.85 22.43 -15.67
C1 4O0 H . 12.92 -13.14 -8.01
C2 4O0 H . 10.49 -13.54 -8.12
C3 4O0 H . 10.08 -13.02 -6.83
C4 4O0 H . 8.63 -13.08 -6.55
N1 4O0 H . 14.59 -13.65 -6.41
C5 4O0 H . 7.71 -13.58 -7.48
C6 4O0 H . 8.11 -14.04 -8.72
C7 4O0 H . 9.45 -14.06 -9.03
C8 4O0 H . 10.28 -14.45 -10.17
C9 4O0 H . 11.69 -14.18 -9.90
C10 4O0 H . 12.84 -14.45 -10.85
O1 4O0 H . 8.55 -19.52 -14.52
O2 4O0 H . 8.57 -21.20 -13.09
C11 4O0 H . 9.62 -16.82 -11.31
C12 4O0 H . 10.03 -17.40 -10.13
C13 4O0 H . 9.99 -18.79 -9.97
C14 4O0 H . 9.57 -19.64 -11.00
C15 4O0 H . 9.14 -19.11 -12.21
C16 4O0 H . 9.18 -17.67 -12.42
C17 4O0 H . 8.72 -20.02 -13.31
C18 4O0 H . 15.07 -12.27 -6.39
C19 4O0 H . 16.19 -12.28 -5.34
C20 4O0 H . 16.40 -13.69 -4.91
C21 4O0 H . 15.38 -14.49 -5.56
C22 4O0 H . 15.35 -15.86 -5.34
F1 4O0 H . 10.93 -12.53 -5.92
CL 4O0 H . 8.08 -12.44 -5.02
S 4O0 H . 9.63 -15.15 -11.62
F 4O0 H . 8.78 -17.08 -13.55
N 4O0 H . 11.74 -13.62 -8.67
C 4O0 H . 13.58 -14.14 -7.14
O 4O0 H . 13.25 -15.29 -7.13
C23 4O0 H . 16.30 -16.43 -4.45
C24 4O0 H . 17.27 -15.63 -3.83
C25 4O0 H . 17.32 -14.25 -4.05
C27 4O0 H . 16.40 -11.11 -4.39
C26 4O0 H . 17.40 -11.35 -5.55
OAA NKN I . -1.49 -10.20 -15.25
OAB NKN I . -0.14 -9.38 -13.35
PAC NKN I . -0.71 -10.65 -14.11
OAD NKN I . -1.56 -11.37 -12.91
OAE NKN I . 4.96 -15.22 -14.32
OAF NKN I . 0.59 -11.52 -14.62
CAG NKN I . 0.55 -12.76 -15.35
CAH NKN I . 0.81 -14.00 -14.46
CAI NKN I . 2.26 -14.09 -13.94
OAJ NKN I . 2.75 -15.44 -13.71
CAK NKN I . 4.20 -15.70 -13.51
CAL NKN I . 4.81 -16.59 -12.43
CAM NKN I . 4.97 -15.93 -11.07
CAN NKN I . 5.52 -16.87 -10.00
CAO NKN I . 5.12 -16.41 -8.59
CAP NKN I . 5.71 -17.22 -7.43
CAQ NKN I . 5.50 -16.47 -6.10
CAR NKN I . 5.69 -17.24 -4.79
CAS NKN I . 6.09 -16.30 -3.64
CAT NKN I . 4.91 -15.66 -2.87
CAU NKN I . 5.21 -14.30 -2.25
CAV NKN I . 6.23 -14.33 -1.14
CAW NKN I . 5.68 -13.91 0.22
CAX NKN I . 6.78 -13.84 1.26
OAY NKN I . -0.10 -13.90 -13.37
C1 GOL J . 9.16 -22.65 -17.73
O1 GOL J . 10.22 -22.36 -18.64
C2 GOL J . 9.83 -22.93 -16.40
O2 GOL J . 10.03 -21.65 -15.77
C3 GOL J . 9.02 -23.90 -15.53
O3 GOL J . 8.09 -23.26 -14.66
C1 GOL K . 3.23 -6.00 12.12
O1 GOL K . 3.42 -4.59 11.99
C2 GOL K . 2.91 -6.28 13.59
O2 GOL K . 1.96 -5.30 14.01
C3 GOL K . 2.25 -7.64 13.78
O3 GOL K . 2.97 -8.69 13.12
C1 GOL L . 16.47 0.46 -9.44
O1 GOL L . 15.41 -0.19 -8.69
C2 GOL L . 17.41 1.10 -8.43
O2 GOL L . 16.77 2.19 -7.75
C3 GOL L . 18.64 1.67 -9.11
O3 GOL L . 19.48 2.26 -8.10
C1 GOL M . -2.20 18.08 -16.31
O1 GOL M . -1.78 18.20 -17.67
C2 GOL M . -2.16 16.61 -15.90
O2 GOL M . -3.39 15.94 -16.25
C3 GOL M . -1.97 16.47 -14.39
O3 GOL M . -0.67 16.88 -14.00
C1 GOL N . -9.45 4.84 -11.91
O1 GOL N . -10.82 4.53 -12.26
C2 GOL N . -9.28 6.35 -11.82
O2 GOL N . -9.40 6.93 -13.12
C3 GOL N . -7.87 6.65 -11.27
O3 GOL N . -7.94 6.70 -9.84
C1 GOL O . -13.66 13.53 3.97
O1 GOL O . -12.35 13.98 4.30
C2 GOL O . -14.21 12.82 5.21
O2 GOL O . -14.78 11.55 4.89
C3 GOL O . -15.26 13.70 5.85
O3 GOL O . -14.61 14.82 6.45
C1 GOL P . 16.30 -19.58 -1.69
O1 GOL P . 15.21 -20.11 -2.48
C2 GOL P . 15.86 -18.99 -0.34
O2 GOL P . 15.05 -19.91 0.41
C3 GOL P . 17.05 -18.64 0.54
O3 GOL P . 18.21 -18.40 -0.25
CL CL Q . 3.47 -2.89 -16.10
#